data_3NJY
#
_entry.id   3NJY
#
_cell.length_a   100.550
_cell.length_b   148.990
_cell.length_c   56.910
_cell.angle_alpha   90.000
_cell.angle_beta   90.000
_cell.angle_gamma   90.000
#
_symmetry.space_group_name_H-M   'P 21 21 2'
#
loop_
_entity.id
_entity.type
_entity.pdbx_description
1 polymer 'Lysine-specific demethylase 4A'
2 non-polymer 'NICKEL (II) ION'
3 non-polymer 'ZINC ION'
4 non-polymer '8-hydroxyquinoline-5-carboxylic acid'
5 water water
#
_entity_poly.entity_id   1
_entity_poly.type   'polypeptide(L)'
_entity_poly.pdbx_seq_one_letter_code
;MHHHHHHSSGVDLGTENLYFQSMASESETLNPSARIMTFYPTMEEFRNFSRYIAYIESQGAHRAGLAKVVPPKEWKPRAS
YDDIDDLVIPAPIQQLVTGQSGLFTQYNIQKKAMTVREFRKIANSDKYCTPRYSEFEELERKYWKNLTFNPPIYGADVNG
TLYEKHVDEWNIGRLRTILDLVEKESGITIEGVNTPYLYFGMWKTSFAWHTEDMDLYSINYLHFGEPKSWYSVPPEHGKR
LERLAKGFFPGSAQSCEAFLRHKMTLISPLMLKKYGIPFDKVTQEAGEFMITFPYGYHAGFNHGFNCAESTNFATRRWIE
YGKQAVLCSCRKDMVKISMDVFVRKFQPERYKLWKAGKDNTVIDHTLPTPEAAEFLKESEL
;
_entity_poly.pdbx_strand_id   A,B
#
# COMPACT_ATOMS: atom_id res chain seq x y z
N LEU A 30 11.67 14.46 8.98
CA LEU A 30 12.35 15.25 7.96
C LEU A 30 12.39 14.50 6.63
N ASN A 31 11.81 13.31 6.60
CA ASN A 31 11.68 12.64 5.32
C ASN A 31 10.22 12.27 5.14
N PRO A 32 9.40 13.29 4.87
CA PRO A 32 7.94 13.13 4.77
C PRO A 32 7.56 12.07 3.75
N SER A 33 8.27 12.06 2.62
CA SER A 33 8.02 11.11 1.54
C SER A 33 8.72 9.77 1.78
N ALA A 34 9.48 9.70 2.87
CA ALA A 34 10.20 8.48 3.23
C ALA A 34 10.93 7.88 2.03
N ARG A 35 11.52 8.74 1.19
CA ARG A 35 12.31 8.25 0.05
C ARG A 35 13.69 7.79 0.50
N ILE A 36 14.31 6.93 -0.29
CA ILE A 36 15.64 6.42 0.01
C ILE A 36 16.73 7.46 -0.20
N MET A 37 17.36 7.90 0.89
CA MET A 37 18.38 8.94 0.85
C MET A 37 19.78 8.41 0.57
N THR A 38 20.64 9.29 0.05
CA THR A 38 22.03 8.95 -0.27
C THR A 38 22.93 9.99 0.35
N PHE A 39 23.98 9.52 1.02
CA PHE A 39 24.86 10.38 1.79
C PHE A 39 26.27 10.17 1.33
N TYR A 40 26.99 11.28 1.22
CA TYR A 40 28.40 11.27 0.85
C TYR A 40 29.22 11.88 1.98
N PRO A 41 29.59 11.07 2.98
CA PRO A 41 30.30 11.57 4.14
C PRO A 41 31.76 11.88 3.84
N THR A 42 32.26 12.94 4.48
CA THR A 42 33.67 13.30 4.42
C THR A 42 34.43 12.42 5.36
N MET A 43 35.71 12.27 5.10
CA MET A 43 36.53 11.33 5.83
C MET A 43 36.44 11.49 7.35
N GLU A 44 36.07 12.68 7.80
CA GLU A 44 36.02 12.97 9.24
C GLU A 44 34.69 12.51 9.77
N GLU A 45 33.65 12.78 9.00
CA GLU A 45 32.30 12.34 9.32
C GLU A 45 32.25 10.81 9.30
N PHE A 46 33.05 10.24 8.42
CA PHE A 46 33.01 8.81 8.17
C PHE A 46 33.60 8.03 9.33
N ARG A 47 34.58 8.62 10.01
CA ARG A 47 35.38 7.87 10.97
C ARG A 47 34.53 7.19 12.06
N ASN A 48 33.59 7.91 12.67
CA ASN A 48 32.77 7.34 13.73
C ASN A 48 31.45 6.80 13.21
N PHE A 49 31.33 5.48 13.20
CA PHE A 49 30.21 4.84 12.52
C PHE A 49 28.91 5.10 13.25
N SER A 50 28.82 4.61 14.48
CA SER A 50 27.69 4.88 15.35
C SER A 50 27.22 6.33 15.22
N ARG A 51 28.16 7.27 15.25
CA ARG A 51 27.80 8.67 15.27
C ARG A 51 27.12 9.06 13.95
N TYR A 52 27.63 8.55 12.84
CA TYR A 52 27.09 8.91 11.53
C TYR A 52 25.70 8.33 11.31
N ILE A 53 25.47 7.11 11.78
CA ILE A 53 24.14 6.53 11.76
C ILE A 53 23.17 7.42 12.49
N ALA A 54 23.59 7.98 13.61
CA ALA A 54 22.73 8.90 14.34
C ALA A 54 22.45 10.13 13.46
N TYR A 55 23.45 10.55 12.71
CA TYR A 55 23.28 11.71 11.86
C TYR A 55 22.26 11.50 10.72
N ILE A 56 22.27 10.34 10.07
CA ILE A 56 21.36 10.15 8.95
C ILE A 56 19.94 9.89 9.45
N GLU A 57 19.81 9.33 10.64
CA GLU A 57 18.51 9.22 11.25
C GLU A 57 17.96 10.61 11.56
N SER A 58 18.84 11.53 11.94
CA SER A 58 18.41 12.90 12.24
C SER A 58 17.99 13.64 10.96
N GLN A 59 18.43 13.11 9.82
CA GLN A 59 18.01 13.60 8.51
C GLN A 59 16.75 12.88 8.01
N GLY A 60 16.31 11.86 8.73
CA GLY A 60 15.08 11.15 8.41
C GLY A 60 15.26 9.94 7.48
N ALA A 61 16.52 9.58 7.23
CA ALA A 61 16.86 8.48 6.34
C ALA A 61 16.12 7.19 6.66
N HIS A 62 16.05 6.86 7.93
CA HIS A 62 15.52 5.57 8.35
C HIS A 62 14.08 5.38 7.93
N ARG A 63 13.38 6.46 7.60
CA ARG A 63 11.97 6.36 7.32
C ARG A 63 11.73 5.54 6.08
N ALA A 64 12.71 5.55 5.18
CA ALA A 64 12.60 4.79 3.93
C ALA A 64 12.83 3.29 4.13
N GLY A 65 13.46 2.93 5.25
CA GLY A 65 13.78 1.56 5.55
C GLY A 65 15.20 1.21 5.12
N LEU A 66 15.74 2.01 4.21
CA LEU A 66 16.98 1.69 3.52
C LEU A 66 17.68 3.00 3.15
N ALA A 67 19.01 3.02 3.19
CA ALA A 67 19.74 4.24 2.87
C ALA A 67 21.09 3.88 2.25
N LYS A 68 21.57 4.72 1.34
CA LYS A 68 22.87 4.47 0.72
C LYS A 68 23.92 5.44 1.23
N VAL A 69 25.13 4.94 1.44
CA VAL A 69 26.23 5.78 1.89
C VAL A 69 27.46 5.58 1.01
N VAL A 70 27.81 6.62 0.26
CA VAL A 70 29.02 6.59 -0.56
C VAL A 70 30.23 7.03 0.27
N PRO A 71 31.23 6.15 0.39
CA PRO A 71 32.38 6.47 1.24
C PRO A 71 33.35 7.45 0.60
N PRO A 72 34.06 8.23 1.43
CA PRO A 72 35.09 9.12 0.91
C PRO A 72 35.92 8.43 -0.16
N LYS A 73 36.18 9.15 -1.26
CA LYS A 73 36.90 8.60 -2.40
C LYS A 73 38.19 7.90 -1.98
N GLU A 74 38.87 8.45 -0.97
CA GLU A 74 40.19 7.94 -0.59
C GLU A 74 40.07 6.77 0.37
N TRP A 75 38.84 6.29 0.57
CA TRP A 75 38.64 5.16 1.43
C TRP A 75 38.68 3.87 0.61
N LYS A 76 39.41 2.88 1.11
CA LYS A 76 39.39 1.54 0.56
C LYS A 76 39.57 0.51 1.68
N PRO A 77 38.72 -0.53 1.68
CA PRO A 77 38.75 -1.57 2.72
C PRO A 77 39.73 -2.69 2.39
N ARG A 78 40.19 -2.73 1.14
CA ARG A 78 41.18 -3.71 0.73
C ARG A 78 42.01 -3.17 -0.44
N ALA A 79 43.24 -3.66 -0.51
CA ALA A 79 44.20 -3.24 -1.52
C ALA A 79 43.88 -3.88 -2.88
N SER A 80 43.72 -5.20 -2.90
CA SER A 80 43.43 -5.89 -4.15
C SER A 80 42.56 -7.12 -3.95
N TYR A 81 41.60 -7.29 -4.85
CA TYR A 81 40.79 -8.50 -4.83
C TYR A 81 41.30 -9.51 -5.86
N ASP A 82 42.61 -9.67 -5.95
CA ASP A 82 43.19 -10.56 -6.94
C ASP A 82 43.65 -11.84 -6.26
N ASP A 83 43.46 -11.91 -4.95
CA ASP A 83 44.02 -13.00 -4.18
C ASP A 83 42.97 -13.97 -3.63
N ILE A 84 41.71 -13.81 -4.03
CA ILE A 84 40.65 -14.57 -3.37
C ILE A 84 40.15 -15.76 -4.18
N ASP A 85 40.66 -15.91 -5.39
CA ASP A 85 40.18 -16.97 -6.28
C ASP A 85 40.15 -18.36 -5.65
N ASP A 86 40.93 -18.57 -4.60
CA ASP A 86 40.99 -19.90 -3.99
C ASP A 86 40.08 -19.99 -2.78
N LEU A 87 39.45 -18.88 -2.41
CA LEU A 87 38.52 -18.87 -1.29
C LEU A 87 37.37 -19.87 -1.51
N VAL A 88 37.05 -20.61 -0.47
CA VAL A 88 36.00 -21.62 -0.55
C VAL A 88 34.59 -21.10 -0.22
N ILE A 89 33.64 -21.46 -1.08
CA ILE A 89 32.21 -21.29 -0.80
C ILE A 89 31.64 -22.64 -0.39
N PRO A 90 31.60 -22.90 0.92
CA PRO A 90 31.23 -24.23 1.43
C PRO A 90 29.86 -24.73 0.96
N ALA A 91 28.91 -23.83 0.73
CA ALA A 91 27.54 -24.24 0.47
C ALA A 91 26.84 -23.31 -0.51
N PRO A 92 27.21 -23.39 -1.79
CA PRO A 92 26.51 -22.58 -2.78
C PRO A 92 25.06 -23.05 -2.91
N ILE A 93 24.17 -22.12 -3.21
CA ILE A 93 22.76 -22.41 -3.29
C ILE A 93 22.27 -22.25 -4.71
N GLN A 94 21.49 -23.20 -5.18
CA GLN A 94 20.75 -23.02 -6.41
C GLN A 94 19.32 -22.51 -6.07
N GLN A 95 18.93 -21.42 -6.70
CA GLN A 95 17.69 -20.76 -6.34
C GLN A 95 16.61 -21.07 -7.34
N LEU A 96 15.78 -22.06 -7.01
CA LEU A 96 14.62 -22.40 -7.81
C LEU A 96 13.40 -21.57 -7.42
N VAL A 97 12.88 -20.79 -8.35
CA VAL A 97 11.74 -19.94 -8.08
C VAL A 97 10.52 -20.46 -8.82
N THR A 98 9.36 -20.36 -8.17
CA THR A 98 8.10 -20.76 -8.78
C THR A 98 7.03 -19.73 -8.50
N GLY A 99 6.21 -19.47 -9.51
CA GLY A 99 5.02 -18.67 -9.34
C GLY A 99 4.71 -17.96 -10.63
N GLN A 100 3.77 -17.03 -10.55
CA GLN A 100 3.35 -16.27 -11.72
C GLN A 100 2.82 -14.93 -11.25
N SER A 101 2.66 -13.99 -12.16
CA SER A 101 1.92 -12.78 -11.84
C SER A 101 2.53 -12.06 -10.66
N GLY A 102 3.85 -11.98 -10.61
CA GLY A 102 4.53 -11.18 -9.60
C GLY A 102 4.58 -11.77 -8.20
N LEU A 103 4.06 -12.99 -8.01
CA LEU A 103 4.19 -13.66 -6.72
C LEU A 103 4.95 -14.95 -6.86
N PHE A 104 6.02 -15.08 -6.09
CA PHE A 104 6.87 -16.25 -6.19
C PHE A 104 7.35 -16.78 -4.86
N THR A 105 7.59 -18.08 -4.84
CA THR A 105 8.31 -18.74 -3.76
C THR A 105 9.65 -19.32 -4.24
N GLN A 106 10.66 -19.15 -3.42
CA GLN A 106 12.04 -19.49 -3.76
C GLN A 106 12.50 -20.66 -2.94
N TYR A 107 12.94 -21.73 -3.61
CA TYR A 107 13.41 -22.93 -2.94
C TYR A 107 14.89 -23.04 -3.09
N ASN A 108 15.57 -23.41 -2.01
CA ASN A 108 17.01 -23.54 -2.07
C ASN A 108 17.43 -24.99 -2.31
N ILE A 109 18.24 -25.21 -3.33
CA ILE A 109 18.85 -26.50 -3.51
C ILE A 109 20.33 -26.30 -3.25
N GLN A 110 20.85 -26.94 -2.21
CA GLN A 110 22.27 -26.79 -1.86
C GLN A 110 23.18 -27.65 -2.71
N LYS A 111 24.23 -27.03 -3.24
CA LYS A 111 25.19 -27.68 -4.10
C LYS A 111 26.48 -27.95 -3.36
N LYS A 112 27.38 -28.65 -4.04
CA LYS A 112 28.69 -28.95 -3.49
C LYS A 112 29.57 -27.72 -3.49
N ALA A 113 30.50 -27.68 -2.54
CA ALA A 113 31.39 -26.54 -2.37
C ALA A 113 32.08 -26.16 -3.66
N MET A 114 32.66 -24.97 -3.68
CA MET A 114 33.39 -24.53 -4.84
C MET A 114 34.11 -23.26 -4.50
N THR A 115 35.10 -22.92 -5.30
CA THR A 115 35.96 -21.79 -5.02
C THR A 115 35.43 -20.60 -5.74
N VAL A 116 35.92 -19.44 -5.37
CA VAL A 116 35.47 -18.22 -6.00
C VAL A 116 35.78 -18.29 -7.49
N ARG A 117 36.86 -19.00 -7.83
CA ARG A 117 37.32 -19.02 -9.21
C ARG A 117 36.30 -19.78 -10.05
N GLU A 118 36.00 -21.00 -9.63
CA GLU A 118 35.06 -21.82 -10.39
C GLU A 118 33.67 -21.18 -10.44
N PHE A 119 33.28 -20.53 -9.35
CA PHE A 119 32.02 -19.80 -9.30
C PHE A 119 32.00 -18.70 -10.37
N ARG A 120 33.10 -17.96 -10.51
CA ARG A 120 33.14 -16.82 -11.42
C ARG A 120 33.12 -17.25 -12.88
N LYS A 121 33.55 -18.49 -13.12
CA LYS A 121 33.55 -19.06 -14.46
C LYS A 121 32.10 -19.32 -14.82
N ILE A 122 31.40 -19.97 -13.89
CA ILE A 122 29.98 -20.21 -14.05
C ILE A 122 29.19 -18.90 -14.23
N ALA A 123 29.41 -17.92 -13.36
CA ALA A 123 28.62 -16.69 -13.43
C ALA A 123 28.84 -16.02 -14.78
N ASN A 124 30.08 -15.99 -15.23
CA ASN A 124 30.41 -15.32 -16.48
C ASN A 124 30.15 -16.17 -17.73
N SER A 125 29.93 -17.46 -17.53
CA SER A 125 29.59 -18.36 -18.62
C SER A 125 28.39 -17.83 -19.38
N ASP A 126 28.16 -18.37 -20.58
CA ASP A 126 27.20 -17.74 -21.48
C ASP A 126 25.77 -17.99 -21.04
N LYS A 127 25.57 -19.03 -20.24
CA LYS A 127 24.22 -19.37 -19.78
C LYS A 127 23.79 -18.59 -18.54
N TYR A 128 24.73 -18.23 -17.68
CA TYR A 128 24.40 -17.56 -16.43
C TYR A 128 24.70 -16.07 -16.41
N CYS A 129 25.14 -15.49 -17.52
CA CYS A 129 25.67 -14.13 -17.46
C CYS A 129 24.58 -13.14 -17.76
N THR A 130 24.88 -11.89 -17.43
CA THR A 130 23.93 -10.78 -17.56
C THR A 130 23.48 -10.56 -18.98
N PRO A 131 22.17 -10.56 -19.22
CA PRO A 131 21.69 -10.21 -20.56
C PRO A 131 22.17 -8.82 -20.98
N ARG A 132 22.12 -8.53 -22.28
CA ARG A 132 22.48 -7.21 -22.78
C ARG A 132 21.28 -6.32 -22.57
N TYR A 133 21.53 -5.02 -22.42
CA TYR A 133 20.45 -4.07 -22.10
C TYR A 133 21.00 -2.64 -22.06
N SER A 134 20.11 -1.69 -22.31
CA SER A 134 20.50 -0.28 -22.27
C SER A 134 20.27 0.32 -20.88
N GLU A 135 19.02 0.63 -20.55
CA GLU A 135 18.71 1.21 -19.26
C GLU A 135 18.38 0.14 -18.20
N PHE A 136 18.40 0.54 -16.93
CA PHE A 136 18.17 -0.39 -15.82
C PHE A 136 16.77 -0.97 -15.84
N GLU A 137 15.78 -0.13 -16.08
CA GLU A 137 14.40 -0.59 -16.15
C GLU A 137 14.32 -1.80 -17.05
N GLU A 138 15.14 -1.84 -18.09
CA GLU A 138 15.11 -2.93 -19.04
C GLU A 138 15.58 -4.22 -18.37
N LEU A 139 16.70 -4.13 -17.65
CA LEU A 139 17.22 -5.30 -16.94
C LEU A 139 16.22 -5.79 -15.87
N GLU A 140 15.58 -4.83 -15.20
CA GLU A 140 14.62 -5.10 -14.15
C GLU A 140 13.47 -5.91 -14.73
N ARG A 141 12.96 -5.50 -15.89
CA ARG A 141 11.90 -6.22 -16.58
C ARG A 141 12.31 -7.65 -16.95
N LYS A 142 13.58 -7.85 -17.32
CA LYS A 142 14.03 -9.15 -17.76
C LYS A 142 14.15 -10.07 -16.57
N TYR A 143 14.52 -9.48 -15.44
CA TYR A 143 14.61 -10.21 -14.18
C TYR A 143 13.23 -10.75 -13.78
N TRP A 144 12.23 -9.89 -13.72
CA TRP A 144 10.87 -10.30 -13.35
C TRP A 144 10.20 -11.18 -14.41
N LYS A 145 10.77 -11.23 -15.61
CA LYS A 145 10.23 -12.09 -16.66
C LYS A 145 10.89 -13.48 -16.63
N ASN A 146 12.17 -13.54 -16.31
CA ASN A 146 12.91 -14.81 -16.45
C ASN A 146 13.29 -15.39 -15.11
N LEU A 147 12.65 -14.87 -14.08
CA LEU A 147 12.97 -15.21 -12.71
C LEU A 147 12.88 -16.70 -12.39
N THR A 148 11.92 -17.39 -12.97
CA THR A 148 11.71 -18.82 -12.67
C THR A 148 12.42 -19.76 -13.66
N PHE A 149 13.18 -19.20 -14.60
CA PHE A 149 13.93 -20.01 -15.58
C PHE A 149 15.41 -20.04 -15.28
N ASN A 150 16.07 -21.12 -15.69
CA ASN A 150 17.52 -21.19 -15.65
C ASN A 150 18.08 -20.82 -14.28
N PRO A 151 17.79 -21.65 -13.27
CA PRO A 151 18.11 -21.36 -11.87
C PRO A 151 19.59 -21.12 -11.60
N PRO A 152 19.92 -19.93 -11.09
CA PRO A 152 21.30 -19.53 -10.83
C PRO A 152 21.85 -20.11 -9.55
N ILE A 153 23.15 -19.91 -9.33
CA ILE A 153 23.79 -20.31 -8.09
C ILE A 153 24.22 -19.06 -7.34
N TYR A 154 24.08 -19.09 -6.03
CA TYR A 154 24.33 -17.94 -5.19
C TYR A 154 25.30 -18.40 -4.14
N GLY A 155 26.48 -17.77 -4.11
CA GLY A 155 27.50 -18.09 -3.14
C GLY A 155 27.24 -17.34 -1.86
N ALA A 156 26.22 -17.79 -1.12
CA ALA A 156 25.67 -17.00 -0.03
C ALA A 156 26.11 -17.48 1.33
N ASP A 157 26.01 -16.57 2.30
CA ASP A 157 26.18 -16.88 3.73
C ASP A 157 27.53 -17.49 3.98
N VAL A 158 28.56 -16.92 3.37
CA VAL A 158 29.91 -17.41 3.53
C VAL A 158 30.63 -16.69 4.69
N ASN A 159 31.00 -17.44 5.71
CA ASN A 159 31.64 -16.84 6.88
C ASN A 159 32.94 -16.23 6.48
N GLY A 160 33.04 -14.92 6.59
CA GLY A 160 34.28 -14.25 6.32
C GLY A 160 34.13 -12.77 6.15
N THR A 161 35.27 -12.12 5.93
CA THR A 161 35.33 -10.71 5.64
C THR A 161 36.38 -10.50 4.54
N LEU A 162 36.30 -9.37 3.86
CA LEU A 162 37.30 -9.01 2.86
C LEU A 162 38.03 -7.73 3.27
N TYR A 163 37.82 -7.28 4.51
CA TYR A 163 38.50 -6.07 4.98
C TYR A 163 39.94 -6.37 5.40
N GLU A 164 40.81 -5.36 5.27
CA GLU A 164 42.18 -5.49 5.74
C GLU A 164 42.20 -5.23 7.25
N LYS A 165 42.94 -6.06 7.99
CA LYS A 165 43.01 -6.00 9.45
C LYS A 165 43.04 -4.58 10.04
N HIS A 166 43.61 -3.63 9.30
CA HIS A 166 43.87 -2.32 9.87
C HIS A 166 42.93 -1.21 9.44
N VAL A 167 41.83 -1.54 8.78
CA VAL A 167 40.85 -0.55 8.37
C VAL A 167 39.98 -0.15 9.57
N ASP A 168 39.96 1.13 9.91
CA ASP A 168 39.30 1.57 11.15
C ASP A 168 38.04 2.36 10.90
N GLU A 169 37.65 2.46 9.63
CA GLU A 169 36.42 3.13 9.28
C GLU A 169 35.44 2.09 8.78
N TRP A 170 34.25 2.06 9.38
CA TRP A 170 33.20 1.18 8.89
C TRP A 170 33.73 -0.21 8.55
N ASN A 171 34.38 -0.85 9.51
CA ASN A 171 34.83 -2.23 9.32
C ASN A 171 33.72 -3.17 9.81
N ILE A 172 33.14 -3.93 8.86
CA ILE A 172 31.99 -4.77 9.17
C ILE A 172 32.30 -5.77 10.28
N GLY A 173 33.55 -6.20 10.33
CA GLY A 173 34.02 -7.09 11.38
C GLY A 173 34.03 -6.53 12.78
N ARG A 174 34.12 -5.21 12.93
CA ARG A 174 34.13 -4.59 14.26
C ARG A 174 33.59 -3.15 14.25
N LEU A 175 32.27 -3.01 14.19
CA LEU A 175 31.64 -1.69 14.10
C LEU A 175 31.53 -1.01 15.47
N ARG A 176 31.65 -1.80 16.54
CA ARG A 176 31.49 -1.26 17.90
C ARG A 176 30.14 -0.57 18.08
N THR A 177 29.05 -1.33 17.97
CA THR A 177 27.73 -0.83 18.32
C THR A 177 27.30 -1.62 19.53
N ILE A 178 26.18 -1.22 20.15
CA ILE A 178 25.72 -1.91 21.35
C ILE A 178 25.29 -3.34 21.08
N LEU A 179 25.26 -3.75 19.81
CA LEU A 179 24.94 -5.13 19.51
C LEU A 179 26.05 -6.00 20.06
N ASP A 180 27.16 -5.37 20.43
CA ASP A 180 28.32 -6.08 20.98
C ASP A 180 27.99 -6.66 22.33
N LEU A 181 26.94 -6.16 22.95
CA LEU A 181 26.54 -6.64 24.25
C LEU A 181 26.21 -8.11 24.24
N VAL A 182 25.75 -8.64 23.10
CA VAL A 182 25.34 -10.04 23.04
C VAL A 182 26.52 -10.93 23.35
N GLU A 183 27.57 -10.84 22.54
CA GLU A 183 28.73 -11.70 22.69
C GLU A 183 29.51 -11.36 23.95
N LYS A 184 29.44 -10.10 24.35
CA LYS A 184 30.18 -9.62 25.51
C LYS A 184 29.59 -10.21 26.80
N GLU A 185 28.28 -10.26 26.92
CA GLU A 185 27.66 -10.72 28.16
C GLU A 185 27.31 -12.22 28.15
N SER A 186 27.46 -12.90 27.03
CA SER A 186 27.02 -14.30 26.97
C SER A 186 27.97 -15.17 26.14
N GLY A 187 28.88 -14.56 25.41
CA GLY A 187 29.80 -15.30 24.57
C GLY A 187 29.15 -15.80 23.29
N ILE A 188 27.88 -15.46 23.08
CA ILE A 188 27.13 -16.04 21.97
C ILE A 188 27.40 -15.34 20.65
N THR A 189 27.82 -16.11 19.64
CA THR A 189 27.89 -15.60 18.28
C THR A 189 26.85 -16.28 17.39
N ILE A 190 26.34 -15.51 16.44
CA ILE A 190 25.28 -15.91 15.54
C ILE A 190 25.75 -15.56 14.13
N GLU A 191 26.10 -16.56 13.33
CA GLU A 191 26.72 -16.29 12.04
C GLU A 191 25.91 -15.28 11.24
N GLY A 192 26.63 -14.33 10.65
CA GLY A 192 26.02 -13.30 9.83
C GLY A 192 25.33 -12.18 10.59
N VAL A 193 25.13 -12.35 11.90
CA VAL A 193 24.43 -11.35 12.69
C VAL A 193 25.43 -10.49 13.50
N ASN A 194 26.19 -11.12 14.39
CA ASN A 194 27.32 -10.41 15.02
C ASN A 194 28.62 -10.95 14.47
N THR A 195 28.55 -11.57 13.30
CA THR A 195 29.74 -11.87 12.51
C THR A 195 29.36 -11.59 11.08
N PRO A 196 30.35 -11.26 10.23
CA PRO A 196 30.10 -10.91 8.84
C PRO A 196 29.89 -12.13 7.93
N TYR A 197 29.17 -11.88 6.84
CA TYR A 197 28.88 -12.88 5.85
C TYR A 197 29.30 -12.30 4.51
N LEU A 198 29.77 -13.17 3.62
CA LEU A 198 30.11 -12.76 2.26
C LEU A 198 29.09 -13.42 1.34
N TYR A 199 28.73 -12.72 0.26
CA TYR A 199 27.75 -13.21 -0.71
C TYR A 199 28.26 -13.00 -2.12
N PHE A 200 28.54 -14.08 -2.81
CA PHE A 200 28.97 -14.02 -4.20
C PHE A 200 27.78 -14.23 -5.12
N GLY A 201 27.41 -13.19 -5.84
CA GLY A 201 26.23 -13.26 -6.68
C GLY A 201 26.54 -13.43 -8.15
N MET A 202 25.60 -14.00 -8.89
CA MET A 202 25.62 -13.94 -10.33
C MET A 202 24.30 -13.35 -10.77
N TRP A 203 24.13 -13.20 -12.07
CA TRP A 203 22.90 -12.60 -12.58
C TRP A 203 21.69 -13.38 -12.12
N LYS A 204 20.68 -12.63 -11.68
CA LYS A 204 19.34 -13.15 -11.44
C LYS A 204 19.23 -13.85 -10.09
N THR A 205 20.24 -13.70 -9.24
CA THR A 205 20.17 -14.24 -7.87
C THR A 205 19.47 -13.22 -6.98
N SER A 206 18.77 -13.70 -5.96
CA SER A 206 17.79 -12.86 -5.27
C SER A 206 17.83 -12.96 -3.73
N PHE A 207 17.49 -11.87 -3.07
CA PHE A 207 17.06 -11.96 -1.68
C PHE A 207 15.59 -11.62 -1.59
N ALA A 208 14.84 -12.49 -0.93
CA ALA A 208 13.38 -12.35 -0.79
C ALA A 208 13.05 -11.20 0.13
N TRP A 209 11.77 -10.88 0.22
CA TRP A 209 11.29 -9.83 1.12
C TRP A 209 11.43 -10.23 2.58
N HIS A 210 12.05 -9.36 3.37
CA HIS A 210 12.23 -9.65 4.77
C HIS A 210 12.71 -8.41 5.55
N THR A 211 12.47 -8.39 6.85
CA THR A 211 13.19 -7.53 7.77
C THR A 211 14.25 -8.37 8.42
N GLU A 212 15.20 -7.71 9.06
CA GLU A 212 16.31 -8.42 9.64
C GLU A 212 15.92 -9.25 10.87
N ASP A 213 16.73 -10.24 11.21
CA ASP A 213 16.54 -10.99 12.44
C ASP A 213 16.44 -10.07 13.67
N MET A 214 15.42 -10.29 14.48
CA MET A 214 15.15 -9.45 15.64
C MET A 214 14.91 -8.00 15.20
N ASP A 215 14.63 -7.83 13.91
CA ASP A 215 14.37 -6.51 13.34
C ASP A 215 15.53 -5.53 13.57
N LEU A 216 16.76 -6.02 13.40
CA LEU A 216 17.97 -5.21 13.61
C LEU A 216 18.27 -4.35 12.40
N TYR A 217 19.30 -3.51 12.51
CA TYR A 217 19.88 -2.91 11.34
C TYR A 217 20.82 -3.88 10.65
N SER A 218 21.13 -3.61 9.39
CA SER A 218 22.22 -4.30 8.76
C SER A 218 23.05 -3.30 7.97
N ILE A 219 24.27 -3.71 7.66
CA ILE A 219 25.14 -2.94 6.78
C ILE A 219 25.62 -3.87 5.67
N ASN A 220 25.51 -3.40 4.44
CA ASN A 220 25.94 -4.16 3.26
CA ASN A 220 25.96 -4.15 3.29
C ASN A 220 26.98 -3.36 2.47
N TYR A 221 28.14 -3.96 2.23
CA TYR A 221 29.16 -3.34 1.41
C TYR A 221 29.42 -4.21 0.21
N LEU A 222 29.26 -3.62 -0.98
CA LEU A 222 29.54 -4.34 -2.21
C LEU A 222 31.02 -4.16 -2.59
N HIS A 223 31.84 -5.17 -2.33
CA HIS A 223 33.28 -5.07 -2.59
C HIS A 223 33.63 -4.80 -4.06
N PHE A 224 33.05 -5.57 -4.96
CA PHE A 224 33.32 -5.39 -6.38
C PHE A 224 32.23 -6.06 -7.20
N GLY A 225 32.20 -5.74 -8.49
CA GLY A 225 31.42 -6.51 -9.44
C GLY A 225 30.23 -5.71 -9.93
N GLU A 226 29.23 -6.43 -10.38
CA GLU A 226 28.02 -5.80 -10.93
C GLU A 226 27.12 -5.28 -9.82
N PRO A 227 26.27 -4.34 -10.17
CA PRO A 227 25.38 -3.75 -9.16
C PRO A 227 24.53 -4.80 -8.47
N LYS A 228 23.87 -4.35 -7.40
CA LYS A 228 22.89 -5.13 -6.67
C LYS A 228 21.74 -4.15 -6.49
N SER A 229 20.53 -4.52 -6.91
CA SER A 229 19.43 -3.59 -6.80
C SER A 229 18.52 -3.97 -5.65
N TRP A 230 17.91 -2.95 -5.06
CA TRP A 230 17.17 -3.09 -3.82
C TRP A 230 15.78 -2.51 -3.95
N TYR A 231 14.85 -3.11 -3.22
CA TYR A 231 13.51 -2.56 -3.05
C TYR A 231 13.30 -2.46 -1.56
N SER A 232 12.46 -1.54 -1.13
CA SER A 232 12.21 -1.40 0.30
C SER A 232 10.88 -0.75 0.55
N VAL A 233 10.23 -1.20 1.61
CA VAL A 233 9.00 -0.64 2.08
C VAL A 233 9.31 0.09 3.36
N PRO A 234 8.79 1.31 3.53
CA PRO A 234 9.00 2.06 4.76
C PRO A 234 8.52 1.30 5.98
N PRO A 235 9.30 1.32 7.07
CA PRO A 235 8.81 0.63 8.27
C PRO A 235 7.41 1.08 8.70
N GLU A 236 7.09 2.32 8.42
CA GLU A 236 5.77 2.88 8.73
CA GLU A 236 5.78 2.89 8.75
C GLU A 236 4.69 2.07 8.06
N HIS A 237 5.00 1.50 6.92
CA HIS A 237 4.02 0.73 6.14
C HIS A 237 4.25 -0.76 6.12
N GLY A 238 5.23 -1.21 6.89
CA GLY A 238 5.58 -2.62 6.97
C GLY A 238 4.37 -3.52 7.16
N LYS A 239 3.47 -3.10 8.04
CA LYS A 239 2.33 -3.91 8.42
C LYS A 239 1.41 -4.10 7.24
N ARG A 240 1.36 -3.10 6.36
CA ARG A 240 0.59 -3.26 5.14
C ARG A 240 1.14 -4.40 4.31
N LEU A 241 2.45 -4.42 4.13
CA LEU A 241 3.08 -5.44 3.30
C LEU A 241 2.81 -6.83 3.88
N GLU A 242 2.92 -6.99 5.19
CA GLU A 242 2.58 -8.27 5.82
C GLU A 242 1.12 -8.64 5.57
N ARG A 243 0.20 -7.67 5.63
CA ARG A 243 -1.20 -7.98 5.40
C ARG A 243 -1.38 -8.56 4.00
N LEU A 244 -0.79 -7.87 3.04
CA LEU A 244 -0.82 -8.29 1.65
C LEU A 244 -0.24 -9.70 1.49
N ALA A 245 0.90 -9.93 2.11
CA ALA A 245 1.62 -11.18 1.95
C ALA A 245 0.79 -12.33 2.48
N LYS A 246 0.09 -12.11 3.60
CA LYS A 246 -0.70 -13.16 4.23
C LYS A 246 -1.91 -13.51 3.37
N GLY A 247 -2.41 -12.55 2.61
CA GLY A 247 -3.52 -12.80 1.72
C GLY A 247 -3.09 -13.58 0.50
N PHE A 248 -1.84 -13.41 0.10
CA PHE A 248 -1.31 -14.06 -1.08
C PHE A 248 -0.80 -15.46 -0.78
N PHE A 249 -0.37 -15.69 0.45
CA PHE A 249 0.14 -17.00 0.85
C PHE A 249 -0.54 -17.43 2.12
N PRO A 250 -1.85 -17.55 2.06
CA PRO A 250 -2.63 -17.90 3.24
C PRO A 250 -2.04 -19.12 3.95
N GLY A 251 -1.63 -20.11 3.17
CA GLY A 251 -1.05 -21.33 3.73
C GLY A 251 0.16 -21.13 4.62
N SER A 252 1.17 -20.43 4.10
CA SER A 252 2.38 -20.14 4.86
C SER A 252 2.05 -19.34 6.10
N ALA A 253 1.19 -18.32 5.93
CA ALA A 253 0.84 -17.42 7.02
C ALA A 253 0.21 -18.18 8.18
N GLN A 254 -0.60 -19.18 7.86
CA GLN A 254 -1.27 -19.96 8.88
C GLN A 254 -0.27 -20.80 9.67
N SER A 255 0.74 -21.31 8.97
CA SER A 255 1.70 -22.24 9.57
C SER A 255 2.79 -21.56 10.38
N CYS A 256 3.09 -20.30 10.07
CA CYS A 256 4.12 -19.59 10.79
C CYS A 256 3.77 -18.11 11.01
N GLU A 257 3.96 -17.64 12.24
CA GLU A 257 3.61 -16.27 12.60
C GLU A 257 4.36 -15.22 11.78
N ALA A 258 5.54 -15.57 11.30
CA ALA A 258 6.31 -14.64 10.50
C ALA A 258 6.97 -15.34 9.31
N PHE A 259 6.17 -15.92 8.43
CA PHE A 259 6.75 -16.75 7.38
C PHE A 259 7.72 -15.99 6.48
N LEU A 260 7.58 -14.67 6.41
CA LEU A 260 8.48 -13.89 5.57
C LEU A 260 9.93 -14.05 6.02
N ARG A 261 10.13 -14.37 7.30
CA ARG A 261 11.47 -14.59 7.80
C ARG A 261 12.15 -15.82 7.18
N HIS A 262 11.36 -16.71 6.54
CA HIS A 262 11.93 -17.84 5.83
C HIS A 262 12.74 -17.39 4.62
N LYS A 263 12.48 -16.16 4.19
CA LYS A 263 13.17 -15.53 3.07
C LYS A 263 12.96 -16.26 1.77
N MET A 264 11.74 -16.72 1.54
CA MET A 264 11.43 -17.43 0.31
C MET A 264 10.38 -16.70 -0.51
N THR A 265 9.96 -15.54 -0.05
CA THR A 265 8.84 -14.88 -0.69
C THR A 265 9.26 -13.70 -1.54
N LEU A 266 9.06 -13.80 -2.85
CA LEU A 266 9.38 -12.71 -3.74
C LEU A 266 8.10 -12.06 -4.24
N ILE A 267 8.11 -10.74 -4.35
CA ILE A 267 6.94 -10.00 -4.80
C ILE A 267 7.36 -8.86 -5.70
N SER A 268 6.86 -8.86 -6.93
CA SER A 268 7.28 -7.89 -7.93
C SER A 268 6.78 -6.50 -7.57
N PRO A 269 7.48 -5.48 -8.04
CA PRO A 269 7.09 -4.09 -7.77
C PRO A 269 5.73 -3.75 -8.36
N LEU A 270 5.40 -4.31 -9.52
CA LEU A 270 4.06 -4.09 -10.07
C LEU A 270 2.99 -4.60 -9.11
N MET A 271 3.21 -5.76 -8.52
CA MET A 271 2.25 -6.32 -7.58
C MET A 271 2.10 -5.39 -6.37
N LEU A 272 3.21 -4.81 -5.91
CA LEU A 272 3.16 -3.86 -4.83
C LEU A 272 2.35 -2.65 -5.26
N LYS A 273 2.60 -2.14 -6.46
CA LYS A 273 1.92 -0.94 -6.97
C LYS A 273 0.41 -1.17 -7.08
N LYS A 274 0.06 -2.36 -7.56
CA LYS A 274 -1.30 -2.73 -7.82
C LYS A 274 -2.12 -2.80 -6.52
N TYR A 275 -1.44 -3.03 -5.40
CA TYR A 275 -2.16 -3.12 -4.13
C TYR A 275 -1.78 -2.01 -3.16
N GLY A 276 -1.14 -0.97 -3.67
CA GLY A 276 -1.00 0.28 -2.93
C GLY A 276 0.08 0.33 -1.87
N ILE A 277 0.96 -0.66 -1.83
CA ILE A 277 2.11 -0.65 -0.92
C ILE A 277 3.18 0.35 -1.34
N PRO A 278 3.54 1.27 -0.44
CA PRO A 278 4.60 2.24 -0.72
C PRO A 278 5.96 1.56 -0.74
N PHE A 279 6.72 1.77 -1.80
CA PHE A 279 8.06 1.22 -1.85
C PHE A 279 8.99 2.11 -2.67
N ASP A 280 10.28 1.85 -2.59
CA ASP A 280 11.26 2.65 -3.30
C ASP A 280 12.36 1.72 -3.81
N LYS A 281 13.13 2.18 -4.79
CA LYS A 281 14.15 1.37 -5.44
C LYS A 281 15.46 2.10 -5.34
N VAL A 282 16.54 1.35 -5.52
CA VAL A 282 17.82 1.96 -5.56
C VAL A 282 18.79 0.90 -6.02
N THR A 283 19.71 1.26 -6.91
CA THR A 283 20.78 0.34 -7.29
C THR A 283 22.10 0.64 -6.60
N GLN A 284 22.66 -0.37 -5.95
CA GLN A 284 23.93 -0.24 -5.26
C GLN A 284 25.11 -0.69 -6.11
N GLU A 285 26.00 0.23 -6.46
CA GLU A 285 27.22 -0.15 -7.19
C GLU A 285 28.39 -0.46 -6.28
N ALA A 286 29.35 -1.22 -6.82
CA ALA A 286 30.60 -1.54 -6.13
C ALA A 286 31.18 -0.35 -5.35
N GLY A 287 31.66 -0.60 -4.14
CA GLY A 287 32.23 0.45 -3.31
C GLY A 287 31.25 1.31 -2.54
N GLU A 288 29.96 1.02 -2.66
CA GLU A 288 28.95 1.73 -1.86
C GLU A 288 28.35 0.87 -0.73
N PHE A 289 27.74 1.52 0.24
CA PHE A 289 27.16 0.86 1.40
C PHE A 289 25.65 0.97 1.32
N MET A 290 24.95 -0.05 1.78
CA MET A 290 23.52 0.10 2.08
C MET A 290 23.31 -0.17 3.56
N ILE A 291 22.47 0.65 4.19
CA ILE A 291 22.09 0.46 5.57
C ILE A 291 20.62 0.11 5.56
N THR A 292 20.26 -0.99 6.22
CA THR A 292 18.88 -1.37 6.44
C THR A 292 18.52 -0.94 7.85
N PHE A 293 17.28 -0.55 8.06
CA PHE A 293 16.82 -0.05 9.35
C PHE A 293 15.80 -1.00 9.95
N PRO A 294 15.62 -0.91 11.28
CA PRO A 294 14.69 -1.80 11.99
C PRO A 294 13.28 -1.85 11.39
N TYR A 295 12.85 -3.06 11.09
CA TYR A 295 11.56 -3.29 10.50
C TYR A 295 11.39 -2.71 9.08
N GLY A 296 12.49 -2.47 8.41
CA GLY A 296 12.44 -2.13 7.01
C GLY A 296 12.49 -3.40 6.18
N TYR A 297 11.37 -3.75 5.56
CA TYR A 297 11.30 -4.83 4.59
C TYR A 297 12.06 -4.50 3.32
N HIS A 298 12.96 -5.39 2.91
CA HIS A 298 13.70 -5.18 1.69
C HIS A 298 13.83 -6.48 0.89
N ALA A 299 14.11 -6.32 -0.41
CA ALA A 299 14.39 -7.46 -1.28
C ALA A 299 15.22 -6.94 -2.43
N GLY A 300 15.71 -7.84 -3.29
CA GLY A 300 16.45 -7.43 -4.46
C GLY A 300 17.16 -8.54 -5.23
N PHE A 301 18.03 -8.15 -6.15
CA PHE A 301 18.71 -9.11 -7.00
C PHE A 301 20.02 -8.57 -7.50
N ASN A 302 20.91 -9.48 -7.86
CA ASN A 302 22.22 -9.13 -8.38
C ASN A 302 22.25 -9.08 -9.89
N HIS A 303 22.99 -8.10 -10.41
CA HIS A 303 23.07 -7.87 -11.84
C HIS A 303 23.98 -8.88 -12.51
N GLY A 304 24.88 -9.47 -11.74
CA GLY A 304 25.86 -10.38 -12.31
C GLY A 304 26.88 -10.77 -11.28
N PHE A 305 28.07 -11.13 -11.73
CA PHE A 305 29.07 -11.56 -10.78
C PHE A 305 29.50 -10.41 -9.88
N ASN A 306 29.45 -10.65 -8.58
CA ASN A 306 29.75 -9.60 -7.62
C ASN A 306 29.92 -10.16 -6.23
N CYS A 307 30.35 -9.31 -5.31
CA CYS A 307 30.64 -9.79 -3.98
C CYS A 307 30.26 -8.76 -2.94
N ALA A 308 29.65 -9.23 -1.85
CA ALA A 308 29.16 -8.32 -0.83
C ALA A 308 29.38 -8.88 0.55
N GLU A 309 29.49 -7.98 1.52
CA GLU A 309 29.71 -8.34 2.91
C GLU A 309 28.65 -7.65 3.75
N SER A 310 28.10 -8.36 4.73
CA SER A 310 27.09 -7.77 5.59
C SER A 310 27.11 -8.40 6.98
N THR A 311 26.61 -7.62 7.94
CA THR A 311 26.36 -8.09 9.29
C THR A 311 25.25 -7.22 9.81
N ASN A 312 24.72 -7.55 10.99
CA ASN A 312 23.71 -6.70 11.63
C ASN A 312 24.36 -5.82 12.67
N PHE A 313 23.67 -4.76 13.08
CA PHE A 313 24.08 -3.98 14.24
C PHE A 313 22.86 -3.32 14.86
N ALA A 314 23.08 -2.58 15.93
CA ALA A 314 21.99 -1.97 16.70
C ALA A 314 22.31 -0.55 17.13
N THR A 315 21.26 0.19 17.48
CA THR A 315 21.37 1.48 18.18
C THR A 315 20.41 1.39 19.34
N ARG A 316 20.33 2.44 20.16
CA ARG A 316 19.43 2.41 21.30
C ARG A 316 17.99 2.32 20.79
N ARG A 317 17.74 2.92 19.63
CA ARG A 317 16.39 2.90 19.08
C ARG A 317 15.94 1.48 18.79
N TRP A 318 16.89 0.59 18.51
CA TRP A 318 16.53 -0.76 18.15
C TRP A 318 15.95 -1.56 19.32
N ILE A 319 16.43 -1.28 20.52
CA ILE A 319 16.08 -2.12 21.67
C ILE A 319 14.60 -2.43 21.68
N GLU A 320 13.77 -1.39 21.52
CA GLU A 320 12.33 -1.58 21.57
C GLU A 320 11.78 -2.48 20.44
N TYR A 321 12.33 -2.33 19.24
CA TYR A 321 12.00 -3.21 18.12
C TYR A 321 12.38 -4.65 18.45
N GLY A 322 13.53 -4.83 19.07
CA GLY A 322 13.95 -6.13 19.52
C GLY A 322 12.95 -6.75 20.47
N LYS A 323 12.42 -5.97 21.40
CA LYS A 323 11.43 -6.49 22.34
C LYS A 323 10.13 -6.89 21.68
N GLN A 324 9.77 -6.24 20.59
CA GLN A 324 8.49 -6.49 19.95
C GLN A 324 8.59 -7.23 18.63
N ALA A 325 9.79 -7.71 18.28
CA ALA A 325 9.93 -8.42 17.02
C ALA A 325 9.11 -9.69 17.06
N VAL A 326 8.27 -9.89 16.06
CA VAL A 326 7.52 -11.14 15.92
C VAL A 326 8.39 -12.18 15.24
N LEU A 327 8.64 -13.30 15.92
CA LEU A 327 9.61 -14.25 15.46
C LEU A 327 9.02 -15.49 14.84
N CYS A 328 9.81 -16.12 13.95
CA CYS A 328 9.42 -17.36 13.29
C CYS A 328 9.14 -18.44 14.32
N SER A 329 7.93 -18.99 14.26
CA SER A 329 7.46 -19.94 15.25
C SER A 329 7.45 -21.40 14.77
N CYS A 330 8.03 -21.67 13.61
CA CYS A 330 7.83 -22.98 12.99
C CYS A 330 9.12 -23.73 12.69
N ARG A 331 10.26 -23.05 12.79
CA ARG A 331 11.53 -23.67 12.43
C ARG A 331 12.45 -23.68 13.64
N LYS A 332 13.27 -24.71 13.74
CA LYS A 332 14.22 -24.86 14.85
C LYS A 332 15.36 -23.83 14.76
N ASP A 333 15.93 -23.67 13.57
CA ASP A 333 17.09 -22.80 13.36
C ASP A 333 16.70 -21.32 13.24
N MET A 334 16.00 -20.78 14.24
CA MET A 334 15.60 -19.39 14.21
C MET A 334 16.40 -18.59 15.21
N VAL A 335 16.78 -17.39 14.80
CA VAL A 335 17.60 -16.51 15.62
C VAL A 335 16.73 -15.77 16.66
N LYS A 336 17.08 -15.91 17.93
CA LYS A 336 16.35 -15.23 19.01
C LYS A 336 17.35 -14.72 20.01
N ILE A 337 17.53 -13.40 20.03
CA ILE A 337 18.39 -12.74 20.99
C ILE A 337 17.64 -12.42 22.26
N SER A 338 18.22 -12.78 23.40
CA SER A 338 17.72 -12.38 24.69
C SER A 338 17.80 -10.86 24.80
N MET A 339 16.65 -10.20 24.92
CA MET A 339 16.60 -8.74 25.09
C MET A 339 16.89 -8.30 26.49
N ASP A 340 16.86 -9.24 27.42
CA ASP A 340 17.02 -8.95 28.84
C ASP A 340 18.15 -7.97 29.14
N VAL A 341 19.34 -8.29 28.66
CA VAL A 341 20.51 -7.49 28.98
C VAL A 341 20.29 -6.04 28.53
N PHE A 342 19.68 -5.86 27.37
CA PHE A 342 19.46 -4.53 26.84
C PHE A 342 18.42 -3.76 27.65
N VAL A 343 17.36 -4.45 28.07
CA VAL A 343 16.30 -3.80 28.83
C VAL A 343 16.77 -3.30 30.19
N ARG A 344 17.65 -4.03 30.86
CA ARG A 344 18.11 -3.57 32.16
CA ARG A 344 18.18 -3.61 32.16
C ARG A 344 19.15 -2.45 32.01
N LYS A 345 20.06 -2.59 31.07
CA LYS A 345 21.08 -1.59 30.89
C LYS A 345 20.56 -0.28 30.29
N PHE A 346 19.53 -0.33 29.45
CA PHE A 346 19.04 0.88 28.77
C PHE A 346 17.62 1.32 29.12
N GLN A 347 16.85 0.44 29.73
CA GLN A 347 15.49 0.81 30.15
C GLN A 347 15.21 0.31 31.55
N PRO A 348 16.12 0.59 32.50
CA PRO A 348 16.01 0.03 33.85
C PRO A 348 14.64 0.26 34.46
N GLU A 349 14.08 1.43 34.21
CA GLU A 349 12.82 1.80 34.83
C GLU A 349 11.67 0.96 34.29
N ARG A 350 11.90 0.31 33.14
CA ARG A 350 10.85 -0.47 32.48
C ARG A 350 11.00 -1.95 32.70
N TYR A 351 12.18 -2.38 33.16
CA TYR A 351 12.49 -3.80 33.26
C TYR A 351 11.40 -4.63 33.96
N LYS A 352 11.06 -4.30 35.20
CA LYS A 352 10.11 -5.12 35.96
C LYS A 352 8.78 -5.20 35.23
N LEU A 353 8.30 -4.06 34.78
CA LEU A 353 7.06 -3.99 34.03
C LEU A 353 7.13 -4.84 32.75
N TRP A 354 8.28 -4.85 32.10
CA TRP A 354 8.44 -5.62 30.88
C TRP A 354 8.41 -7.14 31.13
N LYS A 355 9.09 -7.59 32.20
CA LYS A 355 9.10 -9.00 32.56
C LYS A 355 7.75 -9.47 33.11
N ALA A 356 6.94 -8.54 33.59
CA ALA A 356 5.58 -8.86 33.98
C ALA A 356 4.64 -8.81 32.77
N GLY A 357 5.21 -8.76 31.56
CA GLY A 357 4.43 -8.66 30.35
C GLY A 357 3.46 -7.48 30.26
N LYS A 358 3.72 -6.41 31.01
CA LYS A 358 2.79 -5.28 31.04
C LYS A 358 3.33 -4.02 30.34
N ASP A 359 4.48 -4.15 29.67
CA ASP A 359 5.04 -3.00 28.95
C ASP A 359 4.33 -2.81 27.62
N ASN A 360 3.52 -1.77 27.55
CA ASN A 360 2.68 -1.51 26.37
C ASN A 360 3.21 -0.40 25.46
N THR A 361 4.52 -0.21 25.43
CA THR A 361 5.09 0.84 24.60
C THR A 361 4.72 0.60 23.15
N VAL A 362 4.22 1.64 22.50
CA VAL A 362 3.98 1.59 21.06
C VAL A 362 5.16 2.26 20.39
N ILE A 363 5.58 1.72 19.25
CA ILE A 363 6.72 2.28 18.54
C ILE A 363 6.32 3.35 17.53
N ASP A 364 6.98 4.50 17.60
CA ASP A 364 6.89 5.51 16.55
C ASP A 364 8.03 5.33 15.54
N HIS A 365 7.71 4.79 14.37
CA HIS A 365 8.75 4.47 13.39
C HIS A 365 9.47 5.70 12.83
N THR A 366 8.98 6.89 13.13
CA THR A 366 9.61 8.08 12.58
C THR A 366 10.66 8.68 13.51
N LEU A 367 10.55 8.45 14.82
CA LEU A 367 11.54 8.99 15.75
C LEU A 367 12.94 8.51 15.40
N PRO A 368 13.91 9.43 15.44
CA PRO A 368 15.34 9.10 15.33
C PRO A 368 15.88 8.52 16.63
N THR A 369 17.06 7.92 16.54
CA THR A 369 17.65 7.26 17.69
C THR A 369 18.14 8.34 18.65
N PRO A 370 17.99 8.12 19.96
CA PRO A 370 18.38 9.08 21.02
C PRO A 370 19.74 9.76 20.79
N GLU A 371 20.72 9.00 20.32
CA GLU A 371 22.10 9.48 20.06
C GLU A 371 22.17 10.61 19.03
N ALA A 372 21.05 10.87 18.35
CA ALA A 372 20.99 11.84 17.26
C ALA A 372 20.67 13.23 17.79
N ALA A 373 20.45 13.34 19.10
CA ALA A 373 20.00 14.59 19.70
C ALA A 373 21.04 15.71 19.52
N GLU A 374 22.31 15.34 19.56
CA GLU A 374 23.41 16.27 19.34
C GLU A 374 23.31 16.93 17.96
N PHE A 375 22.67 16.25 17.01
CA PHE A 375 22.47 16.78 15.66
C PHE A 375 21.12 17.46 15.47
N LEU A 376 20.42 17.76 16.57
CA LEU A 376 19.10 18.36 16.48
C LEU A 376 18.99 19.55 17.42
N LEU B 30 -9.56 -13.26 -10.24
CA LEU B 30 -8.19 -12.76 -10.36
C LEU B 30 -7.82 -11.84 -9.18
N ASN B 31 -8.70 -11.78 -8.18
CA ASN B 31 -8.39 -11.11 -6.91
C ASN B 31 -8.97 -11.94 -5.78
N PRO B 32 -8.36 -13.11 -5.52
CA PRO B 32 -8.90 -14.08 -4.57
C PRO B 32 -9.03 -13.48 -3.17
N SER B 33 -8.29 -12.41 -2.93
CA SER B 33 -8.32 -11.71 -1.66
C SER B 33 -9.37 -10.59 -1.66
N ALA B 34 -9.76 -10.17 -2.87
CA ALA B 34 -10.82 -9.17 -3.08
C ALA B 34 -10.42 -7.78 -2.55
N ARG B 35 -9.12 -7.51 -2.61
CA ARG B 35 -8.51 -6.32 -2.04
C ARG B 35 -8.51 -5.14 -3.02
N ILE B 36 -8.65 -3.93 -2.51
CA ILE B 36 -8.71 -2.78 -3.38
C ILE B 36 -7.40 -2.65 -4.15
N MET B 37 -7.50 -2.51 -5.46
CA MET B 37 -6.34 -2.34 -6.34
C MET B 37 -6.21 -0.92 -6.85
N THR B 38 -5.04 -0.59 -7.36
CA THR B 38 -4.74 0.73 -7.89
C THR B 38 -4.12 0.48 -9.25
N PHE B 39 -4.39 1.34 -10.22
CA PHE B 39 -3.82 1.21 -11.56
C PHE B 39 -3.26 2.54 -11.98
N TYR B 40 -2.25 2.48 -12.84
CA TYR B 40 -1.56 3.67 -13.31
C TYR B 40 -1.57 3.65 -14.85
N PRO B 41 -2.72 3.96 -15.45
CA PRO B 41 -2.79 3.88 -16.91
C PRO B 41 -1.81 4.83 -17.59
N THR B 42 -1.28 4.41 -18.74
CA THR B 42 -0.54 5.32 -19.61
C THR B 42 -1.55 6.22 -20.27
N MET B 43 -1.09 7.32 -20.85
CA MET B 43 -2.01 8.22 -21.53
C MET B 43 -2.75 7.55 -22.71
N GLU B 44 -2.05 6.69 -23.45
CA GLU B 44 -2.73 5.97 -24.50
C GLU B 44 -3.86 5.19 -23.85
N GLU B 45 -3.59 4.54 -22.73
CA GLU B 45 -4.59 3.68 -22.10
C GLU B 45 -5.74 4.48 -21.48
N PHE B 46 -5.44 5.70 -21.07
CA PHE B 46 -6.39 6.54 -20.35
C PHE B 46 -7.48 7.10 -21.27
N ARG B 47 -7.19 7.20 -22.56
CA ARG B 47 -8.08 7.93 -23.47
C ARG B 47 -9.46 7.28 -23.58
N ASN B 48 -9.53 5.97 -23.80
CA ASN B 48 -10.83 5.30 -23.80
C ASN B 48 -11.27 4.88 -22.38
N PHE B 49 -12.26 5.60 -21.84
CA PHE B 49 -12.75 5.34 -20.50
C PHE B 49 -13.48 3.99 -20.32
N SER B 50 -14.43 3.67 -21.18
CA SER B 50 -15.13 2.40 -21.06
C SER B 50 -14.17 1.20 -21.23
N ARG B 51 -13.16 1.38 -22.08
CA ARG B 51 -12.22 0.30 -22.37
C ARG B 51 -11.30 0.04 -21.18
N TYR B 52 -11.00 1.06 -20.38
CA TYR B 52 -10.12 0.82 -19.24
C TYR B 52 -10.88 0.21 -18.07
N ILE B 53 -12.09 0.66 -17.83
CA ILE B 53 -12.94 0.04 -16.82
C ILE B 53 -13.08 -1.42 -17.16
N ALA B 54 -13.08 -1.74 -18.44
CA ALA B 54 -13.22 -3.14 -18.82
C ALA B 54 -11.90 -3.84 -18.55
N TYR B 55 -10.80 -3.11 -18.72
CA TYR B 55 -9.47 -3.67 -18.49
C TYR B 55 -9.24 -4.04 -17.04
N ILE B 56 -9.48 -3.09 -16.14
CA ILE B 56 -9.25 -3.34 -14.73
C ILE B 56 -10.22 -4.41 -14.23
N GLU B 57 -11.40 -4.52 -14.82
CA GLU B 57 -12.25 -5.63 -14.45
C GLU B 57 -11.67 -6.97 -14.90
N SER B 58 -10.88 -6.98 -15.97
CA SER B 58 -10.25 -8.23 -16.38
C SER B 58 -9.13 -8.57 -15.41
N GLN B 59 -8.77 -7.60 -14.57
CA GLN B 59 -7.80 -7.80 -13.50
C GLN B 59 -8.47 -8.10 -12.14
N GLY B 60 -9.80 -8.18 -12.13
CA GLY B 60 -10.51 -8.52 -10.91
C GLY B 60 -10.70 -7.36 -9.96
N ALA B 61 -10.62 -6.14 -10.49
CA ALA B 61 -10.70 -4.96 -9.65
C ALA B 61 -12.07 -4.87 -8.98
N HIS B 62 -13.09 -5.29 -9.71
CA HIS B 62 -14.46 -5.12 -9.28
C HIS B 62 -14.83 -6.01 -8.10
N ARG B 63 -13.99 -6.99 -7.82
CA ARG B 63 -14.27 -7.92 -6.73
C ARG B 63 -14.30 -7.25 -5.36
N ALA B 64 -13.52 -6.18 -5.23
CA ALA B 64 -13.42 -5.43 -4.00
C ALA B 64 -14.54 -4.39 -3.83
N GLY B 65 -15.33 -4.19 -4.88
CA GLY B 65 -16.38 -3.18 -4.86
C GLY B 65 -15.84 -1.76 -5.01
N LEU B 66 -14.53 -1.62 -5.20
CA LEU B 66 -13.87 -0.34 -5.18
C LEU B 66 -12.42 -0.44 -5.70
N ALA B 67 -12.02 0.47 -6.60
CA ALA B 67 -10.66 0.51 -7.12
C ALA B 67 -10.17 1.96 -7.28
N LYS B 68 -8.86 2.16 -7.26
CA LYS B 68 -8.30 3.50 -7.47
C LYS B 68 -7.55 3.56 -8.79
N VAL B 69 -7.62 4.73 -9.44
CA VAL B 69 -6.94 4.94 -10.71
C VAL B 69 -6.22 6.28 -10.71
N VAL B 70 -4.89 6.21 -10.70
CA VAL B 70 -4.07 7.42 -10.72
C VAL B 70 -3.87 7.79 -12.18
N PRO B 71 -4.25 9.02 -12.55
CA PRO B 71 -4.12 9.44 -13.96
C PRO B 71 -2.67 9.76 -14.32
N PRO B 72 -2.36 9.83 -15.62
CA PRO B 72 -1.02 10.21 -16.08
C PRO B 72 -0.55 11.54 -15.50
N LYS B 73 0.75 11.66 -15.23
CA LYS B 73 1.31 12.89 -14.69
C LYS B 73 0.92 14.12 -15.49
N GLU B 74 0.70 13.92 -16.79
CA GLU B 74 0.54 15.02 -17.70
C GLU B 74 -0.94 15.35 -17.89
N TRP B 75 -1.79 14.62 -17.20
CA TRP B 75 -3.22 14.87 -17.26
C TRP B 75 -3.62 15.88 -16.20
N LYS B 76 -4.46 16.83 -16.59
CA LYS B 76 -5.05 17.77 -15.65
C LYS B 76 -6.43 18.08 -16.22
N PRO B 77 -7.43 18.15 -15.35
CA PRO B 77 -8.78 18.45 -15.83
C PRO B 77 -9.06 19.94 -15.82
N ARG B 78 -8.12 20.74 -15.34
CA ARG B 78 -8.36 22.17 -15.20
C ARG B 78 -7.04 22.90 -14.96
N ALA B 79 -6.94 24.12 -15.46
CA ALA B 79 -5.72 24.89 -15.36
C ALA B 79 -5.42 25.25 -13.91
N SER B 80 -6.37 25.91 -13.23
CA SER B 80 -6.19 26.19 -11.79
C SER B 80 -7.53 26.23 -11.07
N TYR B 81 -7.49 26.22 -9.74
CA TYR B 81 -8.71 26.18 -8.94
C TYR B 81 -8.82 27.42 -8.08
N ASP B 82 -8.41 28.56 -8.62
CA ASP B 82 -8.36 29.77 -7.80
C ASP B 82 -9.53 30.69 -8.15
N ASP B 83 -10.23 30.36 -9.22
CA ASP B 83 -11.29 31.20 -9.77
C ASP B 83 -12.68 30.64 -9.45
N ILE B 84 -12.82 29.99 -8.30
CA ILE B 84 -14.08 29.36 -7.95
C ILE B 84 -14.54 29.81 -6.58
N ASP B 85 -13.84 30.78 -6.01
CA ASP B 85 -14.17 31.27 -4.68
C ASP B 85 -15.60 31.82 -4.59
N ASP B 86 -16.18 32.17 -5.72
CA ASP B 86 -17.52 32.73 -5.76
C ASP B 86 -18.56 31.68 -6.14
N LEU B 87 -18.14 30.42 -6.19
CA LEU B 87 -19.07 29.33 -6.49
C LEU B 87 -20.02 29.19 -5.32
N VAL B 88 -21.31 29.12 -5.65
CA VAL B 88 -22.36 29.02 -4.66
C VAL B 88 -22.63 27.57 -4.35
N ILE B 89 -22.55 27.24 -3.06
CA ILE B 89 -23.05 26.00 -2.51
C ILE B 89 -24.44 26.28 -1.95
N PRO B 90 -25.49 25.91 -2.69
CA PRO B 90 -26.87 26.27 -2.36
C PRO B 90 -27.38 25.66 -1.04
N ALA B 91 -27.09 24.38 -0.85
CA ALA B 91 -27.69 23.60 0.22
C ALA B 91 -26.67 22.85 1.07
N PRO B 92 -25.81 23.59 1.77
CA PRO B 92 -24.89 22.97 2.73
C PRO B 92 -25.65 22.09 3.71
N ILE B 93 -24.95 21.18 4.37
CA ILE B 93 -25.60 20.21 5.23
C ILE B 93 -24.82 20.13 6.52
N GLN B 94 -25.50 20.23 7.63
CA GLN B 94 -24.87 19.91 8.89
C GLN B 94 -25.16 18.46 9.19
N GLN B 95 -24.10 17.72 9.51
CA GLN B 95 -24.18 16.31 9.78
C GLN B 95 -24.18 16.02 11.27
N LEU B 96 -25.35 15.68 11.78
CA LEU B 96 -25.51 15.29 13.16
C LEU B 96 -25.51 13.77 13.24
N VAL B 97 -24.86 13.23 14.27
CA VAL B 97 -24.66 11.81 14.36
C VAL B 97 -24.91 11.37 15.78
N THR B 98 -25.76 10.36 15.96
CA THR B 98 -25.94 9.73 17.27
C THR B 98 -25.68 8.27 17.19
N GLY B 99 -25.17 7.70 18.27
CA GLY B 99 -24.97 6.28 18.34
C GLY B 99 -23.84 5.93 19.27
N GLN B 100 -23.54 4.64 19.32
CA GLN B 100 -22.55 4.15 20.24
C GLN B 100 -22.10 2.79 19.77
N SER B 101 -20.91 2.38 20.20
CA SER B 101 -20.44 1.03 19.96
C SER B 101 -20.35 0.80 18.47
N GLY B 102 -19.91 1.82 17.76
CA GLY B 102 -19.66 1.72 16.33
C GLY B 102 -20.90 1.79 15.47
N LEU B 103 -22.07 2.01 16.06
CA LEU B 103 -23.29 2.08 15.28
C LEU B 103 -23.89 3.45 15.38
N PHE B 104 -24.07 4.10 14.24
CA PHE B 104 -24.50 5.48 14.19
C PHE B 104 -25.53 5.75 13.13
N THR B 105 -26.31 6.79 13.37
CA THR B 105 -27.28 7.33 12.43
C THR B 105 -26.97 8.79 12.23
N GLN B 106 -27.01 9.23 10.98
CA GLN B 106 -26.62 10.58 10.63
C GLN B 106 -27.84 11.37 10.16
N TYR B 107 -28.08 12.52 10.79
CA TYR B 107 -29.18 13.38 10.44
C TYR B 107 -28.67 14.63 9.74
N ASN B 108 -29.16 14.89 8.54
CA ASN B 108 -28.81 16.10 7.80
C ASN B 108 -29.67 17.30 8.19
N ILE B 109 -29.04 18.46 8.25
CA ILE B 109 -29.75 19.69 8.58
C ILE B 109 -29.33 20.75 7.61
N GLN B 110 -30.23 21.19 6.76
CA GLN B 110 -29.80 22.12 5.72
C GLN B 110 -29.38 23.45 6.34
N LYS B 111 -28.45 24.13 5.68
CA LYS B 111 -28.10 25.48 6.09
C LYS B 111 -28.21 26.44 4.91
N LYS B 112 -28.21 27.74 5.22
CA LYS B 112 -28.29 28.78 4.22
C LYS B 112 -27.13 28.63 3.23
N ALA B 113 -27.42 28.85 1.96
CA ALA B 113 -26.40 28.82 0.92
C ALA B 113 -25.17 29.59 1.36
N MET B 114 -24.05 29.29 0.72
CA MET B 114 -22.82 29.97 1.02
C MET B 114 -21.86 29.78 -0.14
N THR B 115 -20.90 30.68 -0.24
CA THR B 115 -19.90 30.59 -1.29
C THR B 115 -18.77 29.70 -0.81
N VAL B 116 -17.99 29.18 -1.77
CA VAL B 116 -16.83 28.38 -1.43
C VAL B 116 -15.93 29.17 -0.49
N ARG B 117 -15.72 30.44 -0.79
CA ARG B 117 -14.97 31.34 0.08
CA ARG B 117 -14.93 31.30 0.08
C ARG B 117 -15.36 31.15 1.54
N GLU B 118 -16.65 31.25 1.80
CA GLU B 118 -17.16 31.17 3.17
C GLU B 118 -17.01 29.77 3.74
N PHE B 119 -17.17 28.76 2.89
CA PHE B 119 -17.10 27.39 3.36
C PHE B 119 -15.66 27.10 3.80
N ARG B 120 -14.71 27.37 2.89
CA ARG B 120 -13.29 27.17 3.16
C ARG B 120 -12.82 27.82 4.44
N LYS B 121 -13.25 29.06 4.66
CA LYS B 121 -12.89 29.76 5.89
C LYS B 121 -13.39 28.96 7.09
N ILE B 122 -14.63 28.49 7.05
CA ILE B 122 -15.16 27.69 8.14
C ILE B 122 -14.41 26.38 8.28
N ALA B 123 -14.21 25.71 7.14
CA ALA B 123 -13.49 24.44 7.11
C ALA B 123 -12.13 24.57 7.78
N ASN B 124 -11.40 25.60 7.36
CA ASN B 124 -10.03 25.80 7.83
C ASN B 124 -9.98 26.46 9.18
N SER B 125 -11.08 27.08 9.60
CA SER B 125 -11.15 27.71 10.92
C SER B 125 -10.71 26.70 11.96
N ASP B 126 -10.35 27.18 13.14
CA ASP B 126 -9.76 26.33 14.18
C ASP B 126 -10.74 25.36 14.84
N LYS B 127 -12.04 25.60 14.75
CA LYS B 127 -13.01 24.69 15.36
C LYS B 127 -13.39 23.54 14.41
N TYR B 128 -13.05 23.69 13.14
CA TYR B 128 -13.43 22.72 12.13
C TYR B 128 -12.23 22.15 11.39
N CYS B 129 -11.03 22.65 11.70
CA CYS B 129 -9.86 22.23 10.97
C CYS B 129 -9.51 20.78 11.35
N THR B 130 -8.74 20.13 10.49
CA THR B 130 -8.24 18.81 10.78
C THR B 130 -7.37 18.85 12.03
N PRO B 131 -7.59 17.88 12.93
CA PRO B 131 -6.69 17.77 14.10
C PRO B 131 -5.30 17.33 13.68
N ARG B 132 -4.31 17.58 14.53
CA ARG B 132 -2.94 17.15 14.26
C ARG B 132 -2.84 15.67 14.53
N TYR B 133 -2.14 14.97 13.64
CA TYR B 133 -1.98 13.54 13.76
C TYR B 133 -0.67 13.19 13.06
N SER B 134 -0.22 11.95 13.20
CA SER B 134 1.05 11.52 12.64
C SER B 134 0.86 10.53 11.51
N GLU B 135 -0.14 9.65 11.65
CA GLU B 135 -0.43 8.65 10.63
C GLU B 135 -1.92 8.44 10.43
N PHE B 136 -2.31 8.05 9.22
CA PHE B 136 -3.71 7.88 8.90
C PHE B 136 -4.44 7.19 10.05
N GLU B 137 -3.92 6.06 10.54
CA GLU B 137 -4.60 5.29 11.58
C GLU B 137 -5.01 6.12 12.76
N GLU B 138 -4.13 7.02 13.17
CA GLU B 138 -4.43 7.84 14.33
C GLU B 138 -5.60 8.72 13.97
N LEU B 139 -5.52 9.33 12.78
CA LEU B 139 -6.62 10.19 12.32
C LEU B 139 -7.92 9.38 12.20
N GLU B 140 -7.84 8.16 11.69
CA GLU B 140 -8.99 7.28 11.61
C GLU B 140 -9.61 7.05 12.98
N ARG B 141 -8.77 6.93 14.00
CA ARG B 141 -9.25 6.71 15.36
C ARG B 141 -9.91 7.98 15.89
N LYS B 142 -9.31 9.12 15.58
CA LYS B 142 -9.93 10.38 16.00
C LYS B 142 -11.30 10.56 15.36
N TYR B 143 -11.41 10.22 14.09
CA TYR B 143 -12.71 10.27 13.42
C TYR B 143 -13.78 9.44 14.13
N TRP B 144 -13.51 8.16 14.39
CA TRP B 144 -14.53 7.30 14.99
C TRP B 144 -14.77 7.64 16.46
N LYS B 145 -13.80 8.31 17.07
CA LYS B 145 -13.88 8.66 18.47
C LYS B 145 -14.74 9.92 18.64
N ASN B 146 -14.69 10.80 17.65
CA ASN B 146 -15.29 12.13 17.72
C ASN B 146 -16.42 12.31 16.73
N LEU B 147 -16.83 11.19 16.16
CA LEU B 147 -17.92 11.18 15.19
C LEU B 147 -19.11 12.03 15.63
N THR B 148 -19.55 11.86 16.88
CA THR B 148 -20.80 12.44 17.36
C THR B 148 -20.67 13.86 17.95
N PHE B 149 -19.47 14.43 17.93
CA PHE B 149 -19.24 15.76 18.51
C PHE B 149 -18.97 16.77 17.45
N ASN B 150 -19.38 18.02 17.69
CA ASN B 150 -18.94 19.12 16.86
C ASN B 150 -19.33 18.86 15.40
N PRO B 151 -20.64 18.84 15.13
CA PRO B 151 -21.21 18.57 13.80
C PRO B 151 -20.61 19.45 12.72
N PRO B 152 -19.98 18.82 11.72
CA PRO B 152 -19.40 19.61 10.66
C PRO B 152 -20.43 20.05 9.62
N ILE B 153 -20.01 20.87 8.65
CA ILE B 153 -20.88 21.26 7.56
C ILE B 153 -20.28 20.67 6.31
N TYR B 154 -21.14 20.25 5.39
CA TYR B 154 -20.72 19.52 4.20
C TYR B 154 -21.38 20.11 2.98
N GLY B 155 -20.59 20.71 2.12
CA GLY B 155 -21.11 21.20 0.86
C GLY B 155 -21.38 20.07 -0.11
N ALA B 156 -22.49 19.39 0.09
CA ALA B 156 -22.75 18.16 -0.64
C ALA B 156 -23.79 18.39 -1.73
N ASP B 157 -23.66 17.61 -2.81
CA ASP B 157 -24.67 17.54 -3.86
C ASP B 157 -24.85 18.85 -4.62
N VAL B 158 -23.72 19.45 -4.99
CA VAL B 158 -23.75 20.69 -5.74
C VAL B 158 -23.69 20.41 -7.24
N ASN B 159 -24.76 20.71 -7.94
CA ASN B 159 -24.82 20.49 -9.38
C ASN B 159 -23.70 21.28 -10.01
N GLY B 160 -22.85 20.63 -10.79
CA GLY B 160 -21.72 21.31 -11.39
C GLY B 160 -20.59 20.41 -11.84
N THR B 161 -19.59 21.03 -12.45
CA THR B 161 -18.39 20.34 -12.86
C THR B 161 -17.27 21.36 -12.81
N LEU B 162 -16.07 20.92 -12.45
CA LEU B 162 -14.89 21.78 -12.51
C LEU B 162 -13.99 21.42 -13.67
N TYR B 163 -14.47 20.58 -14.56
CA TYR B 163 -13.67 20.25 -15.72
C TYR B 163 -13.71 21.40 -16.72
N GLU B 164 -12.58 21.62 -17.38
CA GLU B 164 -12.50 22.58 -18.47
CA GLU B 164 -12.53 22.58 -18.46
C GLU B 164 -13.12 21.93 -19.70
N LYS B 165 -13.87 22.71 -20.48
CA LYS B 165 -14.68 22.20 -21.59
C LYS B 165 -14.00 21.16 -22.50
N HIS B 166 -12.70 21.30 -22.74
CA HIS B 166 -12.07 20.57 -23.83
C HIS B 166 -11.38 19.28 -23.44
N VAL B 167 -11.33 19.04 -22.13
CA VAL B 167 -10.77 17.82 -21.57
C VAL B 167 -11.54 16.62 -22.07
N ASP B 168 -10.94 15.84 -22.95
CA ASP B 168 -11.64 14.74 -23.62
C ASP B 168 -11.47 13.41 -22.90
N GLU B 169 -10.67 13.38 -21.83
CA GLU B 169 -10.36 12.13 -21.16
C GLU B 169 -10.94 12.10 -19.76
N TRP B 170 -11.79 11.10 -19.51
CA TRP B 170 -12.35 10.89 -18.18
C TRP B 170 -13.11 12.12 -17.71
N ASN B 171 -13.80 12.74 -18.66
CA ASN B 171 -14.64 13.87 -18.35
C ASN B 171 -15.90 13.36 -17.69
N ILE B 172 -16.05 13.68 -16.42
CA ILE B 172 -17.15 13.20 -15.62
C ILE B 172 -18.48 13.70 -16.16
N GLY B 173 -18.45 14.78 -16.94
CA GLY B 173 -19.66 15.35 -17.52
C GLY B 173 -20.14 14.62 -18.76
N ARG B 174 -19.23 13.94 -19.43
CA ARG B 174 -19.54 13.22 -20.65
C ARG B 174 -18.63 11.97 -20.81
N LEU B 175 -18.94 10.89 -20.10
CA LEU B 175 -18.08 9.70 -20.12
C LEU B 175 -18.44 8.75 -21.27
N ARG B 176 -19.57 9.02 -21.93
CA ARG B 176 -19.97 8.20 -23.06
C ARG B 176 -20.05 6.72 -22.67
N THR B 177 -20.83 6.40 -21.65
CA THR B 177 -21.15 5.01 -21.33
C THR B 177 -22.62 4.77 -21.72
N ILE B 178 -23.06 3.54 -21.61
CA ILE B 178 -24.45 3.20 -21.97
C ILE B 178 -25.46 3.79 -21.00
N LEU B 179 -25.01 4.39 -19.92
CA LEU B 179 -25.95 5.00 -18.99
C LEU B 179 -26.62 6.18 -19.68
N ASP B 180 -25.97 6.72 -20.71
CA ASP B 180 -26.50 7.87 -21.44
C ASP B 180 -27.83 7.58 -22.16
N LEU B 181 -28.10 6.31 -22.47
CA LEU B 181 -29.43 5.90 -22.98
C LEU B 181 -30.62 6.37 -22.15
N VAL B 182 -30.41 6.71 -20.89
CA VAL B 182 -31.50 7.26 -20.09
C VAL B 182 -31.83 8.64 -20.63
N GLU B 183 -30.82 9.47 -20.76
CA GLU B 183 -31.00 10.83 -21.24
C GLU B 183 -31.36 10.83 -22.73
N LYS B 184 -30.67 9.99 -23.50
CA LYS B 184 -30.73 10.03 -24.96
C LYS B 184 -32.01 9.40 -25.54
N GLU B 185 -32.63 8.49 -24.79
CA GLU B 185 -33.84 7.81 -25.26
C GLU B 185 -35.12 8.35 -24.63
N SER B 186 -35.03 8.84 -23.40
CA SER B 186 -36.23 9.33 -22.71
C SER B 186 -36.03 10.74 -22.18
N GLY B 187 -34.94 11.39 -22.59
CA GLY B 187 -34.65 12.74 -22.15
C GLY B 187 -34.79 12.92 -20.65
N ILE B 188 -34.53 11.84 -19.89
CA ILE B 188 -34.59 11.91 -18.44
C ILE B 188 -33.22 12.29 -17.88
N THR B 189 -33.22 13.32 -17.03
CA THR B 189 -32.01 13.81 -16.39
C THR B 189 -32.10 13.70 -14.87
N ILE B 190 -31.24 12.85 -14.31
CA ILE B 190 -31.19 12.66 -12.88
C ILE B 190 -29.92 13.29 -12.29
N GLU B 191 -30.11 14.37 -11.53
CA GLU B 191 -29.00 15.09 -10.91
C GLU B 191 -28.09 14.17 -10.09
N GLY B 192 -26.78 14.34 -10.24
CA GLY B 192 -25.80 13.46 -9.61
C GLY B 192 -25.67 12.06 -10.22
N VAL B 193 -26.66 11.64 -11.01
CA VAL B 193 -26.68 10.30 -11.58
C VAL B 193 -26.20 10.25 -13.03
N ASN B 194 -26.83 11.04 -13.91
CA ASN B 194 -26.25 11.27 -15.24
C ASN B 194 -25.72 12.69 -15.36
N THR B 195 -25.75 13.45 -14.26
CA THR B 195 -25.08 14.74 -14.25
C THR B 195 -24.10 14.83 -13.09
N PRO B 196 -23.15 15.76 -13.21
CA PRO B 196 -22.08 15.90 -12.22
C PRO B 196 -22.52 16.54 -10.92
N TYR B 197 -21.88 16.10 -9.85
CA TYR B 197 -22.13 16.62 -8.52
C TYR B 197 -20.77 17.00 -7.92
N LEU B 198 -20.78 17.99 -7.03
CA LEU B 198 -19.57 18.47 -6.41
C LEU B 198 -19.73 18.33 -4.92
N TYR B 199 -18.63 18.07 -4.23
CA TYR B 199 -18.65 17.79 -2.81
C TYR B 199 -17.51 18.54 -2.18
N PHE B 200 -17.86 19.53 -1.39
CA PHE B 200 -16.90 20.30 -0.68
C PHE B 200 -16.97 19.84 0.75
N GLY B 201 -15.93 19.14 1.19
CA GLY B 201 -15.91 18.60 2.52
C GLY B 201 -14.99 19.36 3.43
N MET B 202 -15.13 19.10 4.72
CA MET B 202 -14.14 19.53 5.69
C MET B 202 -13.90 18.34 6.60
N TRP B 203 -13.02 18.51 7.56
CA TRP B 203 -12.66 17.43 8.48
C TRP B 203 -13.92 16.80 9.05
N LYS B 204 -13.94 15.47 9.00
CA LYS B 204 -14.94 14.65 9.68
C LYS B 204 -16.30 14.55 8.99
N THR B 205 -16.44 15.08 7.77
CA THR B 205 -17.68 14.93 7.04
C THR B 205 -17.72 13.51 6.41
N SER B 206 -18.91 12.91 6.40
CA SER B 206 -19.04 11.49 6.15
C SER B 206 -20.00 11.14 5.05
N PHE B 207 -19.74 10.04 4.34
CA PHE B 207 -20.75 9.41 3.52
C PHE B 207 -21.08 8.04 4.12
N ALA B 208 -22.36 7.75 4.29
CA ALA B 208 -22.77 6.53 4.99
C ALA B 208 -22.69 5.32 4.08
N TRP B 209 -22.86 4.13 4.67
CA TRP B 209 -22.80 2.87 3.92
C TRP B 209 -23.93 2.78 2.93
N HIS B 210 -23.57 2.64 1.66
CA HIS B 210 -24.58 2.50 0.62
C HIS B 210 -24.00 1.91 -0.66
N THR B 211 -24.86 1.33 -1.49
CA THR B 211 -24.51 1.05 -2.87
C THR B 211 -25.13 2.16 -3.69
N GLU B 212 -24.65 2.36 -4.90
CA GLU B 212 -25.18 3.43 -5.73
C GLU B 212 -26.62 3.16 -6.09
N ASP B 213 -27.33 4.22 -6.47
CA ASP B 213 -28.69 4.11 -6.99
C ASP B 213 -28.74 3.16 -8.19
N MET B 214 -29.71 2.24 -8.15
CA MET B 214 -29.85 1.18 -9.14
C MET B 214 -28.63 0.28 -9.18
N ASP B 215 -27.85 0.33 -8.10
CA ASP B 215 -26.59 -0.41 -8.00
C ASP B 215 -25.64 -0.16 -9.18
N LEU B 216 -25.60 1.09 -9.63
CA LEU B 216 -24.74 1.49 -10.74
C LEU B 216 -23.28 1.61 -10.33
N TYR B 217 -22.41 1.82 -11.30
CA TYR B 217 -21.06 2.30 -11.00
C TYR B 217 -21.09 3.79 -10.64
N SER B 218 -20.04 4.23 -9.97
CA SER B 218 -19.78 5.65 -9.86
C SER B 218 -18.30 5.91 -10.07
N ILE B 219 -18.02 7.15 -10.42
CA ILE B 219 -16.67 7.64 -10.57
C ILE B 219 -16.54 8.85 -9.64
N ASN B 220 -15.40 8.99 -8.98
CA ASN B 220 -15.18 10.08 -8.03
CA ASN B 220 -15.18 10.09 -8.06
C ASN B 220 -13.75 10.59 -8.20
N TYR B 221 -13.62 11.86 -8.57
CA TYR B 221 -12.31 12.45 -8.76
C TYR B 221 -12.12 13.51 -7.68
N LEU B 222 -11.03 13.43 -6.94
CA LEU B 222 -10.72 14.43 -5.91
C LEU B 222 -9.91 15.60 -6.50
N HIS B 223 -10.59 16.71 -6.79
CA HIS B 223 -9.96 17.85 -7.48
C HIS B 223 -8.80 18.44 -6.68
N PHE B 224 -9.02 18.68 -5.40
CA PHE B 224 -7.98 19.27 -4.57
C PHE B 224 -8.27 19.13 -3.09
N GLY B 225 -7.26 19.40 -2.29
CA GLY B 225 -7.44 19.50 -0.86
C GLY B 225 -6.95 18.26 -0.17
N GLU B 226 -7.31 18.16 1.10
CA GLU B 226 -7.04 17.02 1.93
C GLU B 226 -7.66 15.70 1.42
N PRO B 227 -7.13 14.56 1.86
CA PRO B 227 -7.60 13.27 1.33
C PRO B 227 -9.02 12.88 1.74
N LYS B 228 -9.57 11.93 0.98
CA LYS B 228 -10.82 11.29 1.32
C LYS B 228 -10.57 9.80 1.53
N SER B 229 -10.92 9.27 2.69
CA SER B 229 -10.73 7.84 2.94
C SER B 229 -11.99 7.01 2.73
N TRP B 230 -11.81 5.79 2.24
CA TRP B 230 -12.91 4.94 1.81
C TRP B 230 -12.88 3.57 2.47
N TYR B 231 -14.05 3.08 2.83
CA TYR B 231 -14.24 1.69 3.18
C TYR B 231 -15.14 1.01 2.16
N SER B 232 -14.84 -0.24 1.82
CA SER B 232 -15.74 -0.99 0.96
C SER B 232 -15.83 -2.44 1.32
N VAL B 233 -17.00 -2.98 1.00
CA VAL B 233 -17.28 -4.39 1.19
C VAL B 233 -17.43 -5.01 -0.18
N PRO B 234 -16.70 -6.10 -0.43
CA PRO B 234 -16.81 -6.79 -1.71
C PRO B 234 -18.26 -7.10 -2.01
N PRO B 235 -18.71 -6.84 -3.24
CA PRO B 235 -20.09 -7.13 -3.64
C PRO B 235 -20.47 -8.57 -3.35
N GLU B 236 -19.48 -9.46 -3.40
CA GLU B 236 -19.67 -10.87 -3.10
CA GLU B 236 -19.64 -10.87 -3.11
C GLU B 236 -20.27 -11.07 -1.72
N HIS B 237 -19.83 -10.26 -0.77
CA HIS B 237 -20.27 -10.38 0.62
C HIS B 237 -21.16 -9.25 1.07
N GLY B 238 -21.73 -8.54 0.11
CA GLY B 238 -22.67 -7.46 0.37
C GLY B 238 -23.89 -7.82 1.20
N LYS B 239 -24.52 -8.97 0.93
CA LYS B 239 -25.72 -9.36 1.66
C LYS B 239 -25.43 -9.54 3.16
N ARG B 240 -24.19 -9.88 3.49
CA ARG B 240 -23.80 -10.02 4.89
C ARG B 240 -23.90 -8.68 5.59
N LEU B 241 -23.35 -7.65 4.96
CA LEU B 241 -23.48 -6.31 5.51
C LEU B 241 -24.94 -5.96 5.70
N GLU B 242 -25.78 -6.31 4.72
CA GLU B 242 -27.21 -6.02 4.83
C GLU B 242 -27.86 -6.73 6.00
N ARG B 243 -27.57 -8.02 6.16
CA ARG B 243 -28.19 -8.78 7.24
C ARG B 243 -27.74 -8.23 8.59
N LEU B 244 -26.48 -7.80 8.65
CA LEU B 244 -25.97 -7.14 9.83
C LEU B 244 -26.81 -5.89 10.14
N ALA B 245 -26.95 -5.01 9.14
CA ALA B 245 -27.71 -3.79 9.30
C ALA B 245 -29.11 -4.06 9.85
N LYS B 246 -29.86 -4.97 9.20
CA LYS B 246 -31.18 -5.38 9.69
C LYS B 246 -31.12 -5.68 11.18
N GLY B 247 -30.10 -6.43 11.59
CA GLY B 247 -29.93 -6.78 12.99
C GLY B 247 -29.99 -5.57 13.89
N PHE B 248 -29.17 -4.57 13.58
CA PHE B 248 -29.04 -3.41 14.44
C PHE B 248 -30.16 -2.36 14.32
N PHE B 249 -30.78 -2.26 13.14
CA PHE B 249 -31.80 -1.23 12.92
C PHE B 249 -33.07 -1.89 12.44
N PRO B 250 -33.62 -2.78 13.24
CA PRO B 250 -34.79 -3.60 12.87
C PRO B 250 -36.02 -2.73 12.67
N GLY B 251 -35.99 -1.54 13.27
CA GLY B 251 -37.06 -0.58 13.10
C GLY B 251 -37.02 0.00 11.69
N SER B 252 -35.84 0.43 11.28
CA SER B 252 -35.65 1.05 9.96
C SER B 252 -35.92 0.02 8.87
N ALA B 253 -35.39 -1.18 9.10
CA ALA B 253 -35.57 -2.29 8.19
C ALA B 253 -37.05 -2.54 7.96
N GLN B 254 -37.82 -2.57 9.06
CA GLN B 254 -39.27 -2.77 9.00
C GLN B 254 -39.93 -1.76 8.07
N SER B 255 -39.57 -0.48 8.23
CA SER B 255 -40.18 0.59 7.46
C SER B 255 -39.73 0.69 6.00
N CYS B 256 -38.56 0.14 5.67
CA CYS B 256 -38.06 0.27 4.30
C CYS B 256 -37.21 -0.93 3.84
N GLU B 257 -37.55 -1.43 2.65
CA GLU B 257 -36.85 -2.55 2.01
C GLU B 257 -35.36 -2.31 1.88
N ALA B 258 -34.97 -1.04 1.72
CA ALA B 258 -33.58 -0.68 1.49
C ALA B 258 -33.20 0.57 2.28
N PHE B 259 -33.31 0.52 3.60
CA PHE B 259 -33.11 1.73 4.37
C PHE B 259 -31.69 2.29 4.24
N LEU B 260 -30.71 1.43 3.99
CA LEU B 260 -29.33 1.86 3.82
C LEU B 260 -29.21 2.87 2.68
N ARG B 261 -30.15 2.85 1.75
CA ARG B 261 -30.18 3.81 0.64
C ARG B 261 -30.50 5.26 1.09
N HIS B 262 -31.05 5.39 2.30
CA HIS B 262 -31.27 6.68 2.94
C HIS B 262 -29.94 7.36 3.28
N LYS B 263 -28.86 6.59 3.21
CA LYS B 263 -27.50 7.09 3.42
C LYS B 263 -27.33 7.79 4.75
N MET B 264 -27.80 7.11 5.78
CA MET B 264 -27.79 7.63 7.14
C MET B 264 -27.15 6.67 8.13
N THR B 265 -26.59 5.58 7.64
CA THR B 265 -26.10 4.57 8.58
C THR B 265 -24.59 4.47 8.55
N LEU B 266 -23.96 4.76 9.69
CA LEU B 266 -22.51 4.65 9.81
C LEU B 266 -22.15 3.45 10.70
N ILE B 267 -21.19 2.68 10.22
CA ILE B 267 -20.75 1.51 10.95
C ILE B 267 -19.23 1.52 10.97
N SER B 268 -18.66 1.45 12.17
CA SER B 268 -17.20 1.50 12.31
C SER B 268 -16.60 0.20 11.81
N PRO B 269 -15.31 0.22 11.45
CA PRO B 269 -14.58 -0.98 11.05
C PRO B 269 -14.33 -1.97 12.19
N LEU B 270 -14.27 -1.51 13.43
CA LEU B 270 -14.19 -2.45 14.55
C LEU B 270 -15.44 -3.32 14.59
N MET B 271 -16.57 -2.73 14.23
CA MET B 271 -17.83 -3.45 14.20
C MET B 271 -17.83 -4.42 13.04
N LEU B 272 -17.41 -3.95 11.87
CA LEU B 272 -17.37 -4.82 10.71
C LEU B 272 -16.51 -6.04 11.01
N LYS B 273 -15.37 -5.79 11.64
CA LYS B 273 -14.43 -6.87 11.91
C LYS B 273 -15.01 -7.80 12.96
N LYS B 274 -15.64 -7.22 13.96
CA LYS B 274 -16.22 -7.97 15.08
C LYS B 274 -17.30 -8.92 14.61
N TYR B 275 -17.99 -8.58 13.53
CA TYR B 275 -19.12 -9.37 13.10
C TYR B 275 -18.82 -10.21 11.86
N GLY B 276 -17.54 -10.28 11.50
CA GLY B 276 -17.11 -11.10 10.37
C GLY B 276 -17.40 -10.54 8.98
N ILE B 277 -17.78 -9.27 8.88
CA ILE B 277 -17.96 -8.67 7.56
C ILE B 277 -16.62 -8.34 6.92
N PRO B 278 -16.31 -8.96 5.78
CA PRO B 278 -15.05 -8.66 5.07
C PRO B 278 -15.09 -7.24 4.50
N PHE B 279 -13.98 -6.53 4.55
CA PHE B 279 -13.93 -5.18 4.01
C PHE B 279 -12.48 -4.70 3.75
N ASP B 280 -12.31 -3.57 3.10
CA ASP B 280 -10.99 -2.99 2.90
C ASP B 280 -11.03 -1.48 3.14
N LYS B 281 -9.86 -0.86 3.32
CA LYS B 281 -9.72 0.59 3.44
C LYS B 281 -8.83 1.10 2.33
N VAL B 282 -9.02 2.35 1.92
CA VAL B 282 -8.10 2.98 0.98
C VAL B 282 -8.29 4.48 1.09
N THR B 283 -7.19 5.20 0.98
CA THR B 283 -7.24 6.65 1.09
C THR B 283 -6.95 7.26 -0.26
N GLN B 284 -7.85 8.13 -0.70
CA GLN B 284 -7.75 8.79 -1.99
C GLN B 284 -7.14 10.15 -1.78
N GLU B 285 -6.16 10.50 -2.62
CA GLU B 285 -5.45 11.78 -2.55
C GLU B 285 -5.93 12.68 -3.67
N ALA B 286 -5.63 13.96 -3.55
CA ALA B 286 -5.99 14.91 -4.59
C ALA B 286 -5.35 14.46 -5.89
N GLY B 287 -6.15 14.39 -6.94
CA GLY B 287 -5.66 14.07 -8.27
C GLY B 287 -5.92 12.62 -8.63
N GLU B 288 -6.66 11.91 -7.77
CA GLU B 288 -6.88 10.48 -7.96
CA GLU B 288 -6.88 10.49 -7.96
C GLU B 288 -8.36 10.17 -8.18
N PHE B 289 -8.62 9.12 -8.95
CA PHE B 289 -9.99 8.65 -9.17
C PHE B 289 -10.29 7.42 -8.34
N MET B 290 -11.48 7.37 -7.77
CA MET B 290 -12.02 6.13 -7.19
C MET B 290 -13.20 5.64 -8.03
N ILE B 291 -13.19 4.35 -8.35
CA ILE B 291 -14.29 3.70 -9.04
C ILE B 291 -15.06 2.81 -8.07
N THR B 292 -16.37 3.01 -8.00
CA THR B 292 -17.26 2.15 -7.23
C THR B 292 -17.95 1.19 -8.17
N PHE B 293 -18.10 -0.05 -7.75
CA PHE B 293 -18.70 -1.07 -8.61
C PHE B 293 -20.12 -1.41 -8.21
N PRO B 294 -20.87 -1.99 -9.15
CA PRO B 294 -22.26 -2.39 -8.91
C PRO B 294 -22.39 -3.25 -7.66
N TYR B 295 -23.24 -2.81 -6.75
CA TYR B 295 -23.49 -3.52 -5.49
C TYR B 295 -22.26 -3.53 -4.58
N GLY B 296 -21.41 -2.53 -4.72
CA GLY B 296 -20.29 -2.38 -3.83
C GLY B 296 -20.67 -1.38 -2.76
N TYR B 297 -21.01 -1.84 -1.56
CA TYR B 297 -21.18 -0.97 -0.39
C TYR B 297 -19.93 -0.24 -0.03
N HIS B 298 -20.05 1.06 0.22
CA HIS B 298 -18.88 1.84 0.57
C HIS B 298 -19.28 2.97 1.48
N ALA B 299 -18.27 3.56 2.12
CA ALA B 299 -18.45 4.61 3.13
C ALA B 299 -17.10 5.26 3.38
N GLY B 300 -17.09 6.38 4.07
CA GLY B 300 -15.83 7.08 4.31
C GLY B 300 -16.00 8.46 4.87
N PHE B 301 -14.89 9.19 4.88
CA PHE B 301 -14.88 10.52 5.45
C PHE B 301 -13.75 11.38 4.88
N ASN B 302 -13.91 12.68 5.05
CA ASN B 302 -12.92 13.64 4.56
C ASN B 302 -11.93 14.06 5.63
N HIS B 303 -10.68 14.26 5.22
CA HIS B 303 -9.63 14.59 6.16
C HIS B 303 -9.68 16.04 6.55
N GLY B 304 -10.11 16.88 5.63
CA GLY B 304 -10.07 18.30 5.82
C GLY B 304 -10.69 18.95 4.60
N PHE B 305 -10.46 20.23 4.43
CA PHE B 305 -11.07 20.94 3.33
C PHE B 305 -10.65 20.30 2.01
N ASN B 306 -11.64 19.97 1.17
CA ASN B 306 -11.36 19.38 -0.16
C ASN B 306 -12.55 19.45 -1.09
N CYS B 307 -12.36 18.97 -2.32
CA CYS B 307 -13.41 19.04 -3.30
C CYS B 307 -13.40 17.89 -4.27
N ALA B 308 -14.55 17.23 -4.39
CA ALA B 308 -14.69 16.00 -5.14
C ALA B 308 -15.83 16.12 -6.13
N GLU B 309 -15.64 15.55 -7.31
CA GLU B 309 -16.66 15.55 -8.35
C GLU B 309 -16.99 14.12 -8.69
N SER B 310 -18.26 13.83 -8.91
CA SER B 310 -18.64 12.45 -9.21
C SER B 310 -19.94 12.36 -9.97
N THR B 311 -20.11 11.25 -10.66
CA THR B 311 -21.34 10.92 -11.34
C THR B 311 -21.47 9.39 -11.43
N ASN B 312 -22.64 8.90 -11.82
CA ASN B 312 -22.78 7.47 -12.02
C ASN B 312 -22.42 7.13 -13.45
N PHE B 313 -22.29 5.84 -13.72
CA PHE B 313 -22.12 5.35 -15.08
C PHE B 313 -22.34 3.84 -15.08
N ALA B 314 -22.33 3.24 -16.27
CA ALA B 314 -22.75 1.86 -16.39
C ALA B 314 -21.91 1.12 -17.42
N THR B 315 -21.93 -0.22 -17.35
CA THR B 315 -21.40 -1.08 -18.39
C THR B 315 -22.48 -2.09 -18.73
N ARG B 316 -22.19 -2.99 -19.65
CA ARG B 316 -23.13 -4.07 -19.97
C ARG B 316 -23.33 -4.95 -18.73
N ARG B 317 -22.27 -5.13 -17.95
CA ARG B 317 -22.38 -6.00 -16.76
C ARG B 317 -23.41 -5.46 -15.77
N TRP B 318 -23.61 -4.15 -15.78
CA TRP B 318 -24.54 -3.52 -14.84
C TRP B 318 -26.01 -3.82 -15.09
N ILE B 319 -26.37 -4.01 -16.35
CA ILE B 319 -27.78 -4.19 -16.72
C ILE B 319 -28.48 -5.22 -15.84
N GLU B 320 -27.81 -6.33 -15.57
CA GLU B 320 -28.41 -7.37 -14.77
C GLU B 320 -28.62 -6.89 -13.33
N TYR B 321 -27.73 -6.03 -12.87
CA TYR B 321 -27.83 -5.50 -11.53
C TYR B 321 -28.98 -4.55 -11.41
N GLY B 322 -29.16 -3.75 -12.45
CA GLY B 322 -30.18 -2.73 -12.43
C GLY B 322 -31.50 -3.44 -12.32
N LYS B 323 -31.60 -4.54 -13.06
CA LYS B 323 -32.83 -5.33 -13.11
C LYS B 323 -33.21 -5.82 -11.73
N GLN B 324 -32.22 -6.27 -10.98
CA GLN B 324 -32.48 -6.91 -9.70
C GLN B 324 -32.36 -6.01 -8.49
N ALA B 325 -31.92 -4.78 -8.69
CA ALA B 325 -31.68 -3.88 -7.58
C ALA B 325 -32.92 -3.80 -6.70
N VAL B 326 -32.69 -3.89 -5.38
CA VAL B 326 -33.74 -3.64 -4.41
C VAL B 326 -33.74 -2.17 -4.04
N LEU B 327 -34.85 -1.48 -4.27
CA LEU B 327 -34.91 -0.03 -4.12
C LEU B 327 -35.66 0.44 -2.87
N CYS B 328 -35.39 1.68 -2.50
CA CYS B 328 -36.03 2.32 -1.37
C CYS B 328 -37.54 2.42 -1.58
N SER B 329 -38.32 1.88 -0.65
CA SER B 329 -39.77 1.86 -0.80
C SER B 329 -40.52 3.02 -0.11
N CYS B 330 -39.85 3.74 0.78
CA CYS B 330 -40.53 4.67 1.68
C CYS B 330 -40.50 6.15 1.27
N ARG B 331 -39.74 6.49 0.24
CA ARG B 331 -39.55 7.91 -0.09
C ARG B 331 -40.14 8.29 -1.43
N LYS B 332 -40.81 9.44 -1.45
CA LYS B 332 -41.47 9.94 -2.65
C LYS B 332 -40.44 10.18 -3.74
N ASP B 333 -39.46 11.03 -3.45
CA ASP B 333 -38.38 11.33 -4.39
C ASP B 333 -37.25 10.33 -4.21
N MET B 334 -37.23 9.29 -5.05
CA MET B 334 -36.13 8.33 -5.08
C MET B 334 -35.80 7.94 -6.51
N VAL B 335 -34.56 7.52 -6.74
CA VAL B 335 -34.12 7.24 -8.09
C VAL B 335 -34.52 5.83 -8.54
N LYS B 336 -35.37 5.81 -9.55
CA LYS B 336 -35.82 4.59 -10.21
C LYS B 336 -35.64 4.74 -11.70
N ILE B 337 -34.69 4.02 -12.25
CA ILE B 337 -34.46 4.03 -13.67
C ILE B 337 -35.26 2.92 -14.29
N SER B 338 -35.91 3.21 -15.42
CA SER B 338 -36.63 2.20 -16.19
C SER B 338 -35.66 1.31 -16.94
N MET B 339 -35.49 0.09 -16.45
CA MET B 339 -34.63 -0.91 -17.11
C MET B 339 -35.10 -1.34 -18.49
N ASP B 340 -36.31 -0.94 -18.87
CA ASP B 340 -36.95 -1.46 -20.05
C ASP B 340 -36.07 -1.28 -21.31
N VAL B 341 -35.72 -0.04 -21.61
CA VAL B 341 -34.86 0.29 -22.74
C VAL B 341 -33.60 -0.56 -22.79
N PHE B 342 -33.05 -0.86 -21.62
CA PHE B 342 -31.77 -1.57 -21.51
C PHE B 342 -31.91 -3.04 -21.84
N VAL B 343 -33.01 -3.63 -21.39
CA VAL B 343 -33.21 -5.03 -21.68
C VAL B 343 -33.51 -5.18 -23.15
N ARG B 344 -34.35 -4.28 -23.69
CA ARG B 344 -34.76 -4.34 -25.09
C ARG B 344 -33.53 -4.40 -25.97
N LYS B 345 -32.62 -3.45 -25.75
CA LYS B 345 -31.47 -3.25 -26.63
C LYS B 345 -30.33 -4.27 -26.47
N PHE B 346 -30.05 -4.72 -25.25
CA PHE B 346 -28.85 -5.51 -24.97
C PHE B 346 -29.13 -6.93 -24.58
N GLN B 347 -30.40 -7.22 -24.37
CA GLN B 347 -30.85 -8.57 -24.03
C GLN B 347 -32.17 -8.81 -24.71
N PRO B 348 -32.18 -8.68 -26.04
CA PRO B 348 -33.39 -8.92 -26.84
C PRO B 348 -33.94 -10.32 -26.62
N GLU B 349 -33.03 -11.28 -26.43
CA GLU B 349 -33.43 -12.66 -26.25
C GLU B 349 -34.16 -12.87 -24.92
N ARG B 350 -33.91 -12.00 -23.95
CA ARG B 350 -34.57 -12.13 -22.65
C ARG B 350 -35.77 -11.22 -22.46
N TYR B 351 -35.92 -10.22 -23.33
CA TYR B 351 -36.89 -9.17 -23.10
C TYR B 351 -38.29 -9.69 -22.83
N LYS B 352 -38.73 -10.65 -23.63
CA LYS B 352 -40.05 -11.20 -23.47
C LYS B 352 -40.18 -11.85 -22.11
N LEU B 353 -39.32 -12.82 -21.85
CA LEU B 353 -39.26 -13.49 -20.55
C LEU B 353 -39.27 -12.49 -19.38
N TRP B 354 -38.31 -11.58 -19.38
CA TRP B 354 -38.22 -10.52 -18.37
C TRP B 354 -39.57 -9.83 -18.19
N LYS B 355 -40.13 -9.27 -19.26
CA LYS B 355 -41.41 -8.55 -19.16
C LYS B 355 -42.45 -9.37 -18.45
N ALA B 356 -42.34 -10.69 -18.58
CA ALA B 356 -43.30 -11.61 -17.98
C ALA B 356 -43.09 -11.75 -16.49
N GLY B 357 -41.88 -11.49 -16.03
CA GLY B 357 -41.53 -11.65 -14.63
C GLY B 357 -40.97 -13.04 -14.40
N LYS B 358 -40.53 -13.69 -15.48
CA LYS B 358 -40.00 -15.01 -15.38
C LYS B 358 -38.50 -15.05 -15.65
N ASP B 359 -37.84 -13.89 -15.63
CA ASP B 359 -36.40 -13.89 -15.81
C ASP B 359 -35.67 -14.06 -14.47
N ASN B 360 -35.18 -15.28 -14.22
CA ASN B 360 -34.57 -15.60 -12.93
C ASN B 360 -33.06 -15.82 -12.99
N THR B 361 -32.40 -15.04 -13.84
CA THR B 361 -30.95 -14.97 -13.87
C THR B 361 -30.37 -14.71 -12.48
N VAL B 362 -29.34 -15.47 -12.14
CA VAL B 362 -28.61 -15.24 -10.90
C VAL B 362 -27.34 -14.47 -11.20
N ILE B 363 -27.07 -13.43 -10.42
CA ILE B 363 -25.86 -12.67 -10.61
C ILE B 363 -24.63 -13.33 -9.95
N ASP B 364 -23.57 -13.50 -10.74
CA ASP B 364 -22.27 -13.95 -10.24
C ASP B 364 -21.33 -12.75 -10.12
N HIS B 365 -21.15 -12.27 -8.90
CA HIS B 365 -20.44 -11.01 -8.66
C HIS B 365 -18.97 -11.02 -9.05
N THR B 366 -18.42 -12.17 -9.39
CA THR B 366 -16.99 -12.23 -9.65
C THR B 366 -16.69 -12.09 -11.15
N LEU B 367 -17.72 -12.24 -11.98
CA LEU B 367 -17.54 -12.14 -13.44
C LEU B 367 -17.22 -10.72 -13.90
N PRO B 368 -16.24 -10.60 -14.82
CA PRO B 368 -15.93 -9.29 -15.43
C PRO B 368 -17.02 -8.88 -16.42
N THR B 369 -17.14 -7.59 -16.67
CA THR B 369 -18.05 -7.13 -17.70
C THR B 369 -17.57 -7.73 -19.01
N PRO B 370 -18.53 -8.22 -19.84
CA PRO B 370 -18.25 -8.85 -21.13
C PRO B 370 -17.16 -8.17 -21.96
N GLU B 371 -17.05 -6.84 -21.88
CA GLU B 371 -16.11 -6.06 -22.72
C GLU B 371 -14.67 -6.41 -22.40
N ALA B 372 -14.46 -7.18 -21.34
CA ALA B 372 -13.13 -7.53 -20.88
C ALA B 372 -12.64 -8.76 -21.59
N ALA B 373 -13.51 -9.33 -22.43
CA ALA B 373 -13.22 -10.59 -23.09
C ALA B 373 -11.96 -10.49 -23.97
N GLU B 374 -11.78 -9.34 -24.62
CA GLU B 374 -10.56 -9.09 -25.39
C GLU B 374 -9.30 -9.25 -24.54
N PHE B 375 -9.33 -8.71 -23.32
CA PHE B 375 -8.17 -8.78 -22.43
C PHE B 375 -7.99 -10.14 -21.76
N LEU B 376 -8.65 -11.17 -22.27
CA LEU B 376 -8.62 -12.47 -21.59
C LEU B 376 -8.39 -13.59 -22.59
#